data_7L48
#
_entry.id   7L48
#
loop_
_entity.id
_entity.type
_entity.pdbx_description
1 polymer Cas12f
2 polymer sgRNA
3 non-polymer 'ZINC ION'
#
loop_
_entity_poly.entity_id
_entity_poly.type
_entity_poly.pdbx_seq_one_letter_code
_entity_poly.pdbx_strand_id
1 'polypeptide(L)'
;MAKNTITKTLKLRIVRPYNSAEVEKIVADEKNNREKIALEKNKDKVKEACSKHLKVAAYCTTQVERNACLFCKARKLDDK
FYQKLRGQFPDAVFWQEISEIFRQLQKQAAEIYNQSLIELYYEIFIKGKGIANASSVEHYLSDVCYTRAAELFKNAAIAS
GLRSKIKSNFRLKELKNMKSGLPTTKSDNFPIPLVKQKGGQYTGFEISNHNSDFIIKIPFGRWQVKKEIDKYRPWEKFDF
EQVQKSPKPISLLLSTQRRKRNKGWSKDEGTEAEIKKVMNGDYQTSYIEVKRGSKICEKSAWMLNLSIDVPKIDKGVDPS
IIGGIDVGVKSPLVCAINNAFSRYSISDNDLFHFNKKMFARRRILLKKNRHKRAGHGAKNKLKPITILTEKSERFRKKLI
ERWACEIADFFIKNKVGTVQMENLESMKRKEDSYFNIRLRGFWPYAEMQNKIEFKLKQYGIEIRKVAPNNTSKTCSKCGH
LNNYFNFEYRKKNKFPHFKCEKCNFKENADYNAALNISNPKLKSTKEEP
;
A,B
2 'polyribonucleotide'
;GGGCUUCACUGAUAAAGUGGAGAACCGCUUCACCAAAAGCUGUCCCUUAGGGGAUUAGAACUUGAGUGAAGGUGGGCUGC
UUGCAUCAGCCUAAUGUCGAGAAGUGCUUUCUUCGGAAAGUAACCCUCGAAACAAAUUCAUUUUUCCUCUCCAAUUCUGC
ACAAGAAAGUUGCAGAACCCGAAUAGACGAAUGAAGGAAUGCAACAGUUGACCCAACGUCGCCGG
;
E
#
loop_
_chem_comp.id
_chem_comp.type
_chem_comp.name
_chem_comp.formula
A RNA linking ADENOSINE-5'-MONOPHOSPHATE 'C10 H14 N5 O7 P'
C RNA linking CYTIDINE-5'-MONOPHOSPHATE 'C9 H14 N3 O8 P'
G RNA linking GUANOSINE-5'-MONOPHOSPHATE 'C10 H14 N5 O8 P'
U RNA linking URIDINE-5'-MONOPHOSPHATE 'C9 H13 N2 O9 P'
ZN non-polymer 'ZINC ION' 'Zn 2'
#
# COMPACT_ATOMS: atom_id res chain seq x y z
N ASN A 4 31.42 11.17 9.35
CA ASN A 4 32.47 11.87 8.62
C ASN A 4 32.03 12.25 7.22
N THR A 5 31.36 11.32 6.53
CA THR A 5 30.87 11.55 5.18
C THR A 5 29.43 11.07 5.10
N ILE A 6 28.68 11.68 4.18
CA ILE A 6 27.27 11.38 3.96
C ILE A 6 27.11 10.89 2.53
N THR A 7 26.47 9.74 2.35
CA THR A 7 26.30 9.19 1.02
C THR A 7 25.13 9.86 0.29
N LYS A 8 25.21 9.87 -1.03
CA LYS A 8 24.17 10.43 -1.88
C LYS A 8 24.22 9.70 -3.21
N THR A 9 23.14 9.80 -3.98
CA THR A 9 23.13 9.39 -5.37
C THR A 9 22.59 10.52 -6.24
N LEU A 10 23.08 10.56 -7.48
CA LEU A 10 22.64 11.50 -8.49
C LEU A 10 22.02 10.71 -9.62
N LYS A 11 20.76 10.98 -9.94
CA LYS A 11 20.09 10.34 -11.06
C LYS A 11 20.24 11.22 -12.30
N LEU A 12 20.82 10.67 -13.37
CA LEU A 12 20.99 11.34 -14.65
C LEU A 12 20.60 10.41 -15.79
N ARG A 13 20.27 10.99 -16.94
CA ARG A 13 19.82 10.25 -18.11
C ARG A 13 20.96 9.99 -19.08
N ILE A 14 21.05 8.77 -19.61
CA ILE A 14 22.01 8.49 -20.66
C ILE A 14 21.46 8.97 -22.00
N VAL A 15 22.24 9.80 -22.68
CA VAL A 15 21.88 10.37 -23.98
C VAL A 15 22.28 9.40 -25.08
N ARG A 16 23.57 9.03 -25.13
CA ARG A 16 24.04 8.12 -26.16
C ARG A 16 25.30 7.44 -25.66
N PRO A 17 25.62 6.26 -26.20
CA PRO A 17 26.93 5.65 -25.93
C PRO A 17 28.06 6.41 -26.62
N TYR A 18 28.91 7.05 -25.83
CA TYR A 18 30.05 7.76 -26.38
C TYR A 18 31.05 6.71 -26.87
N ASN A 19 31.46 6.81 -28.14
CA ASN A 19 32.11 5.66 -28.75
C ASN A 19 33.63 5.70 -28.66
N SER A 20 34.23 6.78 -29.14
CA SER A 20 35.67 6.85 -29.33
C SER A 20 36.10 8.30 -29.12
N ALA A 21 37.26 8.65 -29.67
CA ALA A 21 37.55 10.04 -30.02
C ALA A 21 37.42 10.30 -31.51
N GLU A 22 37.82 9.33 -32.35
CA GLU A 22 37.77 9.52 -33.80
C GLU A 22 36.34 9.48 -34.33
N VAL A 23 35.55 8.50 -33.89
CA VAL A 23 34.16 8.37 -34.36
C VAL A 23 33.30 9.52 -33.84
N GLU A 24 33.56 9.97 -32.60
CA GLU A 24 32.83 11.12 -32.08
C GLU A 24 33.26 12.40 -32.76
N LYS A 25 34.52 12.50 -33.19
CA LYS A 25 34.94 13.63 -34.03
C LYS A 25 34.20 13.59 -35.36
N ILE A 26 34.03 12.39 -35.93
CA ILE A 26 33.32 12.22 -37.19
C ILE A 26 31.88 12.70 -37.06
N VAL A 27 31.20 12.29 -35.98
CA VAL A 27 29.78 12.61 -35.87
C VAL A 27 29.59 14.09 -35.47
N ALA A 28 30.51 14.67 -34.70
CA ALA A 28 30.41 16.09 -34.36
C ALA A 28 30.69 16.96 -35.59
N ASP A 29 31.68 16.56 -36.40
CA ASP A 29 31.93 17.28 -37.64
C ASP A 29 30.80 17.08 -38.62
N GLU A 30 30.10 15.95 -38.56
CA GLU A 30 28.96 15.73 -39.44
C GLU A 30 27.80 16.65 -39.05
N LYS A 31 27.58 16.82 -37.74
CA LYS A 31 26.60 17.80 -37.28
C LYS A 31 26.97 19.22 -37.70
N ASN A 32 28.26 19.58 -37.59
CA ASN A 32 28.71 20.89 -38.06
C ASN A 32 28.55 21.04 -39.58
N ASN A 33 28.75 19.96 -40.33
CA ASN A 33 28.61 19.98 -41.78
C ASN A 33 27.16 20.21 -42.16
N ARG A 34 26.24 19.54 -41.47
CA ARG A 34 24.82 19.73 -41.75
C ARG A 34 24.39 21.14 -41.35
N GLU A 35 24.99 21.69 -40.28
CA GLU A 35 24.70 23.06 -39.89
C GLU A 35 25.15 24.05 -40.96
N LYS A 36 26.34 23.84 -41.56
CA LYS A 36 26.79 24.73 -42.63
C LYS A 36 25.94 24.55 -43.89
N ILE A 37 25.55 23.29 -44.19
CA ILE A 37 24.78 23.02 -45.39
C ILE A 37 23.43 23.72 -45.32
N ALA A 38 22.70 23.53 -44.22
CA ALA A 38 21.45 24.27 -44.10
C ALA A 38 21.65 25.75 -43.76
N LEU A 39 22.86 26.17 -43.40
CA LEU A 39 23.18 27.60 -43.30
C LEU A 39 23.22 28.29 -44.66
N GLU A 40 23.89 27.70 -45.63
CA GLU A 40 23.91 28.30 -46.96
C GLU A 40 22.86 27.74 -47.92
N LYS A 41 22.06 26.76 -47.49
CA LYS A 41 20.88 26.38 -48.26
C LYS A 41 19.79 27.44 -48.17
N ASN A 42 19.58 28.02 -46.98
CA ASN A 42 18.55 29.03 -46.78
C ASN A 42 19.09 30.41 -47.15
N LYS A 43 18.63 30.94 -48.28
CA LYS A 43 18.96 32.30 -48.69
C LYS A 43 17.95 33.29 -48.10
N ASP A 44 17.91 33.32 -46.77
CA ASP A 44 17.02 34.19 -45.97
C ASP A 44 15.55 33.98 -46.35
N LYS A 45 15.13 32.72 -46.35
CA LYS A 45 13.72 32.35 -46.24
C LYS A 45 13.25 32.17 -44.80
N VAL A 46 13.86 32.87 -43.85
CA VAL A 46 13.73 32.54 -42.44
C VAL A 46 13.90 33.82 -41.63
N LYS A 47 13.16 33.94 -40.53
CA LYS A 47 13.36 35.04 -39.57
C LYS A 47 13.49 34.52 -38.14
N GLU A 48 13.70 33.20 -38.03
CA GLU A 48 13.68 32.57 -36.69
C GLU A 48 15.08 32.08 -36.29
N ALA A 49 16.10 32.92 -36.44
CA ALA A 49 17.41 32.49 -35.92
C ALA A 49 17.20 32.38 -34.40
N CYS A 50 17.54 31.24 -33.80
CA CYS A 50 17.23 31.10 -32.35
C CYS A 50 18.26 31.88 -31.53
N SER A 51 18.02 32.07 -30.23
CA SER A 51 18.91 32.95 -29.44
C SER A 51 20.37 32.47 -29.53
N LYS A 52 20.57 31.15 -29.49
CA LYS A 52 21.94 30.59 -29.56
C LYS A 52 22.53 30.73 -30.97
N HIS A 53 21.86 31.47 -31.87
CA HIS A 53 22.37 31.55 -33.24
C HIS A 53 22.49 32.99 -33.73
N LEU A 54 21.76 33.92 -33.09
CA LEU A 54 21.81 35.34 -33.43
C LEU A 54 23.18 35.96 -33.22
N LYS A 55 23.97 35.42 -32.28
CA LYS A 55 25.32 35.94 -32.07
C LYS A 55 26.27 35.55 -33.20
N VAL A 56 26.08 34.38 -33.81
CA VAL A 56 27.09 33.83 -34.70
C VAL A 56 26.67 33.89 -36.17
N ALA A 57 25.37 33.89 -36.48
CA ALA A 57 24.91 33.94 -37.87
C ALA A 57 23.54 34.61 -37.88
N ALA A 58 23.50 35.90 -38.20
CA ALA A 58 22.27 36.68 -38.09
C ALA A 58 22.06 37.52 -39.35
N TYR A 59 21.23 36.99 -40.28
CA TYR A 59 20.63 37.73 -41.40
C TYR A 59 19.13 37.41 -41.32
N CYS A 60 18.43 38.10 -40.43
CA CYS A 60 17.05 37.77 -40.05
C CYS A 60 16.43 39.00 -39.40
N THR A 61 15.31 38.80 -38.70
CA THR A 61 14.67 39.86 -37.93
C THR A 61 14.73 39.61 -36.42
N THR A 62 14.18 38.49 -35.95
CA THR A 62 13.96 38.33 -34.51
C THR A 62 14.56 37.04 -33.97
N GLN A 63 14.25 36.71 -32.72
CA GLN A 63 14.68 35.48 -32.08
C GLN A 63 13.47 34.57 -31.82
N VAL A 64 13.75 33.28 -31.66
CA VAL A 64 12.74 32.29 -31.31
C VAL A 64 13.19 31.52 -30.07
N GLU A 65 12.38 30.53 -29.68
CA GLU A 65 12.49 29.85 -28.40
C GLU A 65 13.31 28.55 -28.48
N ARG A 66 14.27 28.46 -29.40
CA ARG A 66 15.17 27.31 -29.60
C ARG A 66 14.46 26.01 -29.92
N ASN A 67 13.19 26.06 -30.33
CA ASN A 67 12.54 24.93 -30.97
C ASN A 67 11.78 25.30 -32.24
N ALA A 68 11.52 26.58 -32.48
CA ALA A 68 11.13 27.07 -33.80
C ALA A 68 12.34 27.48 -34.63
N CYS A 69 13.54 27.00 -34.26
CA CYS A 69 14.73 27.17 -35.07
C CYS A 69 14.72 26.17 -36.23
N LEU A 70 15.64 26.36 -37.16
CA LEU A 70 15.93 25.38 -38.19
C LEU A 70 17.36 24.86 -38.15
N PHE A 71 18.32 25.64 -37.64
CA PHE A 71 19.70 25.18 -37.63
C PHE A 71 19.91 24.10 -36.58
N CYS A 72 19.29 24.27 -35.41
CA CYS A 72 19.25 23.21 -34.41
C CYS A 72 18.47 22.01 -34.95
N LYS A 73 17.39 22.28 -35.69
CA LYS A 73 16.66 21.18 -36.34
C LYS A 73 17.50 20.53 -37.43
N ALA A 74 18.39 21.29 -38.07
CA ALA A 74 19.35 20.70 -39.00
C ALA A 74 20.40 19.87 -38.28
N ARG A 75 20.65 20.16 -37.00
CA ARG A 75 21.68 19.42 -36.27
C ARG A 75 21.22 17.99 -35.94
N LYS A 76 19.93 17.72 -36.02
CA LYS A 76 19.39 16.40 -35.71
C LYS A 76 19.83 15.37 -36.75
N LEU A 77 20.22 14.19 -36.28
CA LEU A 77 20.75 13.15 -37.14
C LEU A 77 19.69 12.08 -37.44
N ASP A 78 19.74 11.57 -38.67
CA ASP A 78 18.81 10.54 -39.13
C ASP A 78 19.28 9.16 -38.65
N ASP A 79 18.71 8.11 -39.24
CA ASP A 79 19.04 6.74 -38.87
C ASP A 79 19.66 5.93 -40.00
N LYS A 80 19.49 6.34 -41.26
CA LYS A 80 20.21 5.68 -42.35
C LYS A 80 21.69 6.01 -42.32
N PHE A 81 22.03 7.25 -41.93
CA PHE A 81 23.42 7.59 -41.68
C PHE A 81 24.00 6.81 -40.51
N TYR A 82 23.16 6.49 -39.52
CA TYR A 82 23.64 5.62 -38.44
C TYR A 82 23.78 4.17 -38.91
N GLN A 83 22.99 3.75 -39.89
CA GLN A 83 23.23 2.42 -40.47
C GLN A 83 24.52 2.41 -41.30
N LYS A 84 24.84 3.55 -41.93
CA LYS A 84 26.11 3.69 -42.62
C LYS A 84 27.27 3.63 -41.63
N LEU A 85 27.11 4.25 -40.47
CA LEU A 85 28.15 4.18 -39.44
C LEU A 85 28.21 2.79 -38.81
N ARG A 86 27.08 2.07 -38.79
CA ARG A 86 27.09 0.67 -38.34
C ARG A 86 27.90 -0.19 -39.29
N GLY A 87 27.73 0.03 -40.60
CA GLY A 87 28.50 -0.73 -41.56
C GLY A 87 29.96 -0.30 -41.63
N GLN A 88 30.24 0.96 -41.30
CA GLN A 88 31.60 1.47 -41.40
C GLN A 88 32.47 1.03 -40.24
N PHE A 89 31.91 0.96 -39.03
CA PHE A 89 32.66 0.60 -37.83
C PHE A 89 31.89 -0.47 -37.05
N PRO A 90 32.26 -1.74 -37.19
CA PRO A 90 31.59 -2.80 -36.42
C PRO A 90 32.04 -2.87 -34.96
N ASP A 91 33.12 -2.18 -34.59
CA ASP A 91 33.53 -2.10 -33.20
C ASP A 91 32.73 -1.09 -32.41
N ALA A 92 32.15 -0.08 -33.07
CA ALA A 92 31.34 0.91 -32.38
C ALA A 92 30.05 0.31 -31.85
N VAL A 93 29.52 0.95 -30.80
CA VAL A 93 28.33 0.48 -30.11
C VAL A 93 27.21 1.49 -30.31
N PHE A 94 25.97 1.00 -30.31
CA PHE A 94 24.80 1.83 -30.55
C PHE A 94 23.66 1.35 -29.67
N TRP A 95 22.59 2.16 -29.62
CA TRP A 95 21.58 2.08 -28.55
C TRP A 95 20.89 0.73 -28.48
N GLN A 96 20.52 0.14 -29.62
CA GLN A 96 19.71 -1.08 -29.60
C GLN A 96 20.47 -2.26 -29.00
N GLU A 97 21.74 -2.41 -29.37
CA GLU A 97 22.61 -3.41 -28.77
C GLU A 97 22.84 -3.17 -27.28
N ILE A 98 23.06 -1.92 -26.88
CA ILE A 98 23.29 -1.62 -25.47
C ILE A 98 22.02 -1.84 -24.66
N SER A 99 20.87 -1.55 -25.25
CA SER A 99 19.59 -1.75 -24.58
C SER A 99 19.29 -3.23 -24.38
N GLU A 100 19.56 -4.07 -25.39
CA GLU A 100 19.28 -5.49 -25.18
C GLU A 100 20.32 -6.14 -24.29
N ILE A 101 21.55 -5.61 -24.27
CA ILE A 101 22.55 -5.98 -23.26
C ILE A 101 22.02 -5.68 -21.86
N PHE A 102 21.49 -4.47 -21.67
CA PHE A 102 21.08 -4.06 -20.33
C PHE A 102 19.81 -4.79 -19.90
N ARG A 103 18.95 -5.17 -20.85
CA ARG A 103 17.79 -5.97 -20.49
C ARG A 103 18.18 -7.38 -20.09
N GLN A 104 19.12 -7.99 -20.83
CA GLN A 104 19.66 -9.29 -20.44
C GLN A 104 20.36 -9.22 -19.09
N LEU A 105 21.04 -8.10 -18.82
CA LEU A 105 21.74 -7.93 -17.56
C LEU A 105 20.77 -7.74 -16.41
N GLN A 106 19.67 -7.01 -16.63
CA GLN A 106 18.64 -6.86 -15.60
C GLN A 106 18.01 -8.19 -15.26
N LYS A 107 17.68 -8.99 -16.29
CA LYS A 107 17.05 -10.29 -16.05
C LYS A 107 17.99 -11.23 -15.31
N GLN A 108 19.25 -11.32 -15.76
CA GLN A 108 20.20 -12.24 -15.13
C GLN A 108 20.58 -11.76 -13.73
N ALA A 109 20.65 -10.44 -13.51
CA ALA A 109 20.97 -9.92 -12.19
C ALA A 109 19.83 -10.18 -11.21
N ALA A 110 18.58 -10.03 -11.66
CA ALA A 110 17.45 -10.34 -10.79
C ALA A 110 17.39 -11.82 -10.45
N GLU A 111 17.68 -12.69 -11.43
CA GLU A 111 17.65 -14.12 -11.17
C GLU A 111 18.77 -14.54 -10.23
N ILE A 112 19.97 -13.99 -10.42
CA ILE A 112 21.09 -14.36 -9.56
C ILE A 112 20.93 -13.74 -8.17
N TYR A 113 20.29 -12.56 -8.07
CA TYR A 113 20.01 -11.98 -6.77
C TYR A 113 19.02 -12.81 -5.97
N ASN A 114 17.96 -13.30 -6.63
CA ASN A 114 17.00 -14.18 -5.97
C ASN A 114 17.66 -15.49 -5.55
N GLN A 115 18.42 -16.11 -6.46
CA GLN A 115 19.07 -17.39 -6.18
C GLN A 115 20.11 -17.26 -5.08
N SER A 116 20.85 -16.16 -5.07
CA SER A 116 21.83 -15.94 -4.02
C SER A 116 21.19 -15.65 -2.67
N LEU A 117 20.04 -14.97 -2.65
CA LEU A 117 19.38 -14.71 -1.38
C LEU A 117 18.85 -15.99 -0.76
N ILE A 118 18.22 -16.85 -1.57
CA ILE A 118 17.71 -18.10 -1.01
C ILE A 118 18.86 -19.07 -0.72
N GLU A 119 19.97 -18.97 -1.46
CA GLU A 119 21.14 -19.79 -1.19
C GLU A 119 21.76 -19.44 0.16
N LEU A 120 21.89 -18.14 0.43
CA LEU A 120 22.49 -17.71 1.69
C LEU A 120 21.54 -17.95 2.86
N TYR A 121 20.23 -17.87 2.64
CA TYR A 121 19.27 -18.20 3.68
C TYR A 121 19.33 -19.70 3.99
N TYR A 122 19.49 -20.53 2.96
CA TYR A 122 19.66 -21.97 3.11
C TYR A 122 20.91 -22.27 3.93
N GLU A 123 22.08 -21.81 3.45
CA GLU A 123 23.34 -22.13 4.13
C GLU A 123 23.49 -21.44 5.48
N ILE A 124 22.61 -20.52 5.86
CA ILE A 124 22.62 -20.02 7.22
C ILE A 124 21.67 -20.81 8.13
N PHE A 125 20.40 -20.96 7.74
CA PHE A 125 19.39 -21.44 8.68
C PHE A 125 19.00 -22.91 8.52
N ILE A 126 19.03 -23.47 7.31
CA ILE A 126 18.58 -24.85 7.15
C ILE A 126 19.73 -25.83 7.40
N LYS A 127 20.77 -25.78 6.57
CA LYS A 127 21.89 -26.69 6.77
C LYS A 127 22.73 -26.26 7.96
N GLY A 128 22.91 -24.96 8.15
CA GLY A 128 23.67 -24.41 9.26
C GLY A 128 22.94 -24.33 10.57
N LYS A 129 21.67 -24.74 10.61
CA LYS A 129 20.82 -24.77 11.83
C LYS A 129 20.68 -23.40 12.49
N GLY A 130 20.81 -22.32 11.72
CA GLY A 130 20.88 -20.98 12.25
C GLY A 130 22.18 -20.58 12.91
N ILE A 131 23.16 -21.46 12.98
CA ILE A 131 24.42 -21.16 13.67
C ILE A 131 25.30 -20.39 12.71
N ALA A 132 25.17 -19.06 12.71
CA ALA A 132 25.90 -18.23 11.75
C ALA A 132 26.04 -16.83 12.31
N ASN A 133 27.25 -16.45 12.69
CA ASN A 133 27.59 -15.06 12.93
C ASN A 133 27.82 -14.34 11.60
N ALA A 134 28.00 -13.01 11.68
CA ALA A 134 28.03 -12.16 10.48
C ALA A 134 29.24 -12.45 9.60
N SER A 135 30.39 -12.79 10.21
CA SER A 135 31.58 -13.10 9.44
C SER A 135 31.37 -14.35 8.59
N SER A 136 30.61 -15.32 9.11
CA SER A 136 30.21 -16.47 8.31
C SER A 136 29.34 -16.05 7.13
N VAL A 137 28.49 -15.06 7.34
CA VAL A 137 27.60 -14.61 6.26
C VAL A 137 28.40 -13.93 5.16
N GLU A 138 29.40 -13.11 5.53
CA GLU A 138 30.28 -12.53 4.50
C GLU A 138 31.13 -13.60 3.81
N HIS A 139 31.58 -14.61 4.56
CA HIS A 139 32.32 -15.72 3.96
C HIS A 139 31.46 -16.48 2.97
N TYR A 140 30.16 -16.64 3.26
CA TYR A 140 29.32 -17.39 2.35
C TYR A 140 28.86 -16.54 1.18
N LEU A 141 28.76 -15.22 1.39
CA LEU A 141 28.58 -14.28 0.29
C LEU A 141 29.71 -14.40 -0.72
N SER A 142 30.96 -14.28 -0.26
CA SER A 142 32.12 -14.44 -1.14
C SER A 142 32.24 -15.87 -1.68
N ASP A 143 31.67 -16.86 -0.98
CA ASP A 143 31.82 -18.25 -1.40
C ASP A 143 30.83 -18.62 -2.50
N VAL A 144 29.61 -18.07 -2.46
CA VAL A 144 28.55 -18.43 -3.39
C VAL A 144 28.31 -17.34 -4.42
N CYS A 145 28.03 -16.11 -3.97
CA CYS A 145 27.46 -15.10 -4.86
C CYS A 145 28.49 -14.59 -5.85
N TYR A 146 29.71 -14.30 -5.36
CA TYR A 146 30.78 -13.84 -6.23
C TYR A 146 31.18 -14.93 -7.23
N THR A 147 31.19 -16.18 -6.79
CA THR A 147 31.55 -17.29 -7.66
C THR A 147 30.50 -17.50 -8.76
N ARG A 148 29.21 -17.43 -8.39
CA ARG A 148 28.15 -17.56 -9.39
C ARG A 148 28.17 -16.40 -10.38
N ALA A 149 28.38 -15.18 -9.88
CA ALA A 149 28.32 -14.01 -10.72
C ALA A 149 29.51 -13.94 -11.66
N ALA A 150 30.70 -14.33 -11.17
CA ALA A 150 31.86 -14.42 -12.05
C ALA A 150 31.76 -15.63 -12.98
N GLU A 151 30.99 -16.65 -12.60
CA GLU A 151 30.76 -17.77 -13.49
C GLU A 151 29.89 -17.38 -14.67
N LEU A 152 28.88 -16.54 -14.44
CA LEU A 152 28.05 -16.10 -15.56
C LEU A 152 28.63 -14.85 -16.22
N PHE A 153 28.67 -13.73 -15.49
CA PHE A 153 29.25 -12.50 -16.03
C PHE A 153 30.76 -12.58 -15.90
N LYS A 154 31.48 -12.48 -17.01
CA LYS A 154 32.94 -12.48 -16.92
C LYS A 154 33.51 -11.15 -16.42
N ASN A 155 32.67 -10.14 -16.23
CA ASN A 155 33.06 -8.95 -15.49
C ASN A 155 33.28 -9.29 -14.02
N ALA A 156 34.25 -8.59 -13.41
CA ALA A 156 34.37 -8.61 -11.96
C ALA A 156 33.58 -7.49 -11.29
N ALA A 157 33.24 -6.44 -12.04
CA ALA A 157 32.54 -5.29 -11.49
C ALA A 157 31.11 -5.67 -11.10
N ILE A 158 30.42 -6.36 -12.00
CA ILE A 158 29.06 -6.84 -11.73
C ILE A 158 29.05 -7.86 -10.58
N ALA A 159 30.11 -8.67 -10.47
CA ALA A 159 30.16 -9.68 -9.42
C ALA A 159 30.28 -9.02 -8.04
N SER A 160 31.22 -8.09 -7.91
CA SER A 160 31.40 -7.37 -6.65
C SER A 160 30.20 -6.50 -6.35
N GLY A 161 29.55 -5.98 -7.40
CA GLY A 161 28.31 -5.25 -7.20
C GLY A 161 27.20 -6.12 -6.64
N LEU A 162 27.06 -7.35 -7.16
CA LEU A 162 26.01 -8.23 -6.64
C LEU A 162 26.32 -8.63 -5.21
N ARG A 163 27.60 -8.84 -4.88
CA ARG A 163 27.97 -9.16 -3.51
C ARG A 163 27.65 -8.00 -2.56
N SER A 164 28.00 -6.78 -2.97
CA SER A 164 27.70 -5.61 -2.14
C SER A 164 26.20 -5.33 -2.05
N LYS A 165 25.45 -5.62 -3.12
CA LYS A 165 24.01 -5.37 -3.11
C LYS A 165 23.30 -6.35 -2.19
N ILE A 166 23.64 -7.65 -2.30
CA ILE A 166 23.04 -8.66 -1.44
C ILE A 166 23.48 -8.48 0.01
N LYS A 167 24.72 -8.02 0.23
CA LYS A 167 25.16 -7.72 1.59
C LYS A 167 24.38 -6.55 2.18
N SER A 168 24.09 -5.53 1.37
CA SER A 168 23.26 -4.42 1.81
C SER A 168 21.77 -4.73 1.81
N ASN A 169 21.36 -5.90 1.35
CA ASN A 169 19.96 -6.32 1.35
C ASN A 169 19.67 -7.44 2.33
N PHE A 170 20.59 -8.38 2.51
CA PHE A 170 20.38 -9.47 3.46
C PHE A 170 20.52 -8.92 4.87
N ARG A 171 19.42 -8.43 5.42
CA ARG A 171 19.39 -7.86 6.76
C ARG A 171 19.27 -9.00 7.75
N LEU A 172 20.43 -9.44 8.25
CA LEU A 172 20.57 -10.76 8.87
C LEU A 172 19.81 -10.85 10.19
N LYS A 173 19.88 -9.81 11.03
CA LYS A 173 19.38 -9.92 12.39
C LYS A 173 17.86 -10.01 12.45
N GLU A 174 17.17 -9.47 11.44
CA GLU A 174 15.71 -9.56 11.42
C GLU A 174 15.25 -10.95 10.99
N LEU A 175 15.93 -11.55 10.03
CA LEU A 175 15.63 -12.92 9.61
C LEU A 175 16.24 -13.95 10.55
N LYS A 176 17.05 -13.51 11.51
CA LYS A 176 17.59 -14.39 12.55
C LYS A 176 16.56 -14.62 13.65
N ASN A 177 15.94 -13.54 14.13
CA ASN A 177 14.94 -13.63 15.19
C ASN A 177 13.53 -13.54 14.62
N MET A 178 13.37 -13.89 13.34
CA MET A 178 12.09 -14.01 12.64
C MET A 178 11.30 -12.68 12.65
N LYS A 179 12.03 -11.56 12.71
CA LYS A 179 11.39 -10.26 12.91
C LYS A 179 10.85 -9.66 11.63
N SER A 180 11.22 -10.17 10.45
CA SER A 180 10.75 -9.62 9.18
C SER A 180 10.70 -10.75 8.16
N GLY A 181 10.45 -10.38 6.90
CA GLY A 181 10.33 -11.32 5.81
C GLY A 181 11.55 -11.36 4.92
N LEU A 182 11.81 -12.53 4.35
CA LEU A 182 12.90 -12.70 3.39
C LEU A 182 12.60 -11.87 2.13
N PRO A 183 13.54 -11.04 1.68
CA PRO A 183 13.33 -10.29 0.43
C PRO A 183 13.35 -11.19 -0.79
N THR A 184 12.58 -10.77 -1.81
CA THR A 184 12.64 -11.33 -3.16
C THR A 184 11.98 -10.32 -4.10
N THR A 185 12.67 -10.00 -5.20
CA THR A 185 12.15 -9.02 -6.13
C THR A 185 11.08 -9.63 -7.04
N LYS A 186 10.26 -8.75 -7.61
CA LYS A 186 9.26 -9.13 -8.60
C LYS A 186 9.42 -8.39 -9.92
N SER A 187 9.79 -7.10 -9.87
CA SER A 187 9.75 -6.24 -11.04
C SER A 187 10.92 -6.52 -11.97
N ASP A 188 10.71 -6.22 -13.25
CA ASP A 188 11.80 -6.25 -14.22
C ASP A 188 12.67 -5.01 -14.16
N ASN A 189 12.21 -3.96 -13.47
CA ASN A 189 12.98 -2.71 -13.37
C ASN A 189 14.06 -2.81 -12.30
N PHE A 190 14.91 -3.84 -12.39
CA PHE A 190 15.85 -4.16 -11.33
C PHE A 190 17.20 -3.58 -11.69
N PRO A 191 17.77 -2.69 -10.88
CA PRO A 191 19.01 -2.03 -11.28
C PRO A 191 20.22 -2.95 -11.13
N ILE A 192 21.15 -2.85 -12.09
CA ILE A 192 22.42 -3.62 -12.00
C ILE A 192 23.36 -2.85 -11.04
N PRO A 193 23.84 -3.45 -9.94
CA PRO A 193 24.65 -2.73 -8.93
C PRO A 193 26.01 -2.12 -9.33
N LEU A 194 26.83 -2.82 -10.11
CA LEU A 194 28.11 -2.26 -10.64
C LEU A 194 28.99 -1.58 -9.57
N VAL A 195 29.69 -2.34 -8.72
CA VAL A 195 30.64 -1.78 -7.77
C VAL A 195 32.06 -1.93 -8.32
N LYS A 196 32.79 -0.82 -8.37
CA LYS A 196 34.24 -0.86 -8.32
C LYS A 196 34.69 0.01 -7.16
N GLN A 197 35.81 -0.39 -6.53
CA GLN A 197 36.26 0.30 -5.32
C GLN A 197 36.89 1.66 -5.68
N LYS A 198 37.20 2.45 -4.64
CA LYS A 198 37.71 3.81 -4.84
C LYS A 198 38.78 4.30 -3.88
N GLY A 199 39.37 3.45 -3.03
CA GLY A 199 40.20 3.96 -1.96
C GLY A 199 41.68 4.18 -2.19
N GLY A 200 42.00 5.46 -2.46
CA GLY A 200 43.35 5.98 -2.49
C GLY A 200 44.26 5.68 -3.66
N GLN A 201 44.76 4.45 -3.81
CA GLN A 201 45.52 4.06 -4.99
C GLN A 201 44.65 3.57 -6.14
N TYR A 202 43.34 3.80 -6.08
CA TYR A 202 42.36 3.49 -7.13
C TYR A 202 41.39 4.66 -7.24
N THR A 203 40.81 4.84 -8.43
CA THR A 203 39.93 5.96 -8.70
C THR A 203 38.47 5.59 -8.95
N GLY A 204 38.16 4.75 -9.94
CA GLY A 204 36.75 4.52 -10.20
C GLY A 204 36.20 5.25 -11.42
N PHE A 205 36.09 4.48 -12.51
CA PHE A 205 35.19 4.70 -13.64
C PHE A 205 35.61 5.82 -14.59
N GLU A 206 36.65 6.59 -14.24
CA GLU A 206 37.36 7.50 -15.16
C GLU A 206 36.41 8.57 -15.73
N ILE A 207 35.96 9.46 -14.84
CA ILE A 207 35.13 10.58 -15.27
C ILE A 207 35.99 11.55 -16.10
N SER A 208 35.57 11.78 -17.35
CA SER A 208 36.26 12.72 -18.24
C SER A 208 35.27 13.80 -18.69
N ASN A 209 35.62 15.05 -18.47
CA ASN A 209 34.90 16.18 -19.07
C ASN A 209 35.58 16.53 -20.40
N HIS A 210 35.06 15.98 -21.50
CA HIS A 210 35.73 16.19 -22.79
C HIS A 210 35.46 17.58 -23.35
N ASN A 211 34.19 17.89 -23.66
CA ASN A 211 33.80 19.23 -24.12
C ASN A 211 32.57 19.70 -23.36
N SER A 212 32.79 20.18 -22.13
CA SER A 212 31.75 20.68 -21.21
C SER A 212 30.60 19.68 -21.00
N ASP A 213 30.88 18.39 -21.08
CA ASP A 213 29.83 17.39 -20.91
C ASP A 213 30.25 16.35 -19.87
N PHE A 214 29.50 15.24 -19.79
CA PHE A 214 29.76 14.22 -18.79
C PHE A 214 29.91 12.89 -19.53
N ILE A 215 31.07 12.26 -19.41
CA ILE A 215 31.29 10.96 -20.01
C ILE A 215 31.77 10.03 -18.91
N ILE A 216 30.99 8.97 -18.66
CA ILE A 216 31.41 7.89 -17.77
C ILE A 216 31.86 6.72 -18.61
N LYS A 217 32.63 5.81 -17.99
CA LYS A 217 33.28 4.72 -18.68
C LYS A 217 33.15 3.46 -17.83
N ILE A 218 32.16 2.62 -18.15
CA ILE A 218 31.94 1.35 -17.47
C ILE A 218 32.90 0.34 -18.09
N PRO A 219 33.75 -0.30 -17.29
CA PRO A 219 34.58 -1.38 -17.84
C PRO A 219 33.71 -2.59 -18.18
N PHE A 220 33.98 -3.16 -19.35
CA PHE A 220 33.15 -4.26 -19.84
C PHE A 220 33.97 -5.10 -20.79
N GLY A 221 33.54 -6.35 -20.98
CA GLY A 221 34.21 -7.25 -21.90
C GLY A 221 33.68 -7.11 -23.31
N ARG A 222 34.22 -7.95 -24.20
CA ARG A 222 33.72 -8.07 -25.57
C ARG A 222 32.63 -9.13 -25.57
N TRP A 223 31.37 -8.68 -25.54
CA TRP A 223 30.25 -9.59 -25.73
C TRP A 223 30.21 -10.12 -27.16
N GLN A 224 29.58 -11.29 -27.32
CA GLN A 224 29.37 -11.88 -28.63
C GLN A 224 27.95 -12.39 -28.75
N VAL A 225 27.54 -12.64 -29.99
CA VAL A 225 26.16 -13.03 -30.28
C VAL A 225 25.98 -14.51 -29.98
N LYS A 226 24.84 -14.85 -29.36
CA LYS A 226 24.55 -16.24 -29.02
C LYS A 226 24.20 -17.06 -30.25
N LYS A 227 24.09 -18.37 -30.05
CA LYS A 227 23.65 -19.31 -31.06
C LYS A 227 22.26 -19.85 -30.78
N GLU A 228 22.02 -20.35 -29.57
CA GLU A 228 20.70 -20.79 -29.15
C GLU A 228 19.87 -19.59 -28.71
N ILE A 229 18.70 -19.42 -29.31
CA ILE A 229 17.70 -18.43 -28.86
C ILE A 229 16.41 -19.20 -28.59
N ASP A 230 16.21 -19.61 -27.34
CA ASP A 230 15.04 -20.38 -26.96
C ASP A 230 13.79 -19.52 -27.04
N LYS A 231 12.66 -20.15 -27.39
CA LYS A 231 11.41 -19.41 -27.51
C LYS A 231 10.84 -19.00 -26.16
N TYR A 232 11.16 -19.72 -25.08
CA TYR A 232 10.59 -19.40 -23.78
C TYR A 232 11.16 -18.09 -23.24
N ARG A 233 12.48 -17.97 -23.22
CA ARG A 233 13.14 -16.75 -22.76
C ARG A 233 13.86 -16.08 -23.93
N PRO A 234 13.38 -14.93 -24.40
CA PRO A 234 13.99 -14.28 -25.57
C PRO A 234 15.31 -13.59 -25.27
N TRP A 235 15.38 -12.86 -24.15
CA TRP A 235 16.44 -11.89 -23.91
C TRP A 235 17.79 -12.52 -23.59
N GLU A 236 17.87 -13.84 -23.37
CA GLU A 236 19.13 -14.49 -23.04
C GLU A 236 19.86 -14.82 -24.34
N LYS A 237 20.53 -13.79 -24.91
CA LYS A 237 21.03 -13.91 -26.27
C LYS A 237 22.41 -13.26 -26.44
N PHE A 238 23.26 -13.32 -25.42
CA PHE A 238 24.62 -12.81 -25.57
C PHE A 238 25.58 -13.71 -24.79
N ASP A 239 26.86 -13.34 -24.78
CA ASP A 239 27.90 -14.21 -24.24
C ASP A 239 28.72 -13.58 -23.13
N PHE A 240 29.05 -12.28 -23.25
CA PHE A 240 29.72 -11.47 -22.23
C PHE A 240 31.09 -12.07 -21.85
N GLU A 241 32.00 -12.06 -22.82
CA GLU A 241 33.32 -12.65 -22.60
C GLU A 241 34.21 -11.75 -21.73
N GLN A 242 35.45 -12.19 -21.54
CA GLN A 242 36.28 -11.76 -20.42
C GLN A 242 36.85 -10.35 -20.63
N VAL A 243 36.82 -9.56 -19.54
CA VAL A 243 37.47 -8.25 -19.50
C VAL A 243 38.96 -8.34 -19.83
N GLN A 244 39.71 -9.20 -19.13
CA GLN A 244 41.16 -9.22 -19.32
C GLN A 244 41.59 -9.81 -20.66
N LYS A 245 40.84 -10.76 -21.22
CA LYS A 245 41.23 -11.27 -22.53
C LYS A 245 40.77 -10.33 -23.64
N SER A 246 39.70 -9.57 -23.42
CA SER A 246 39.08 -8.79 -24.48
C SER A 246 38.28 -7.64 -23.88
N PRO A 247 38.94 -6.55 -23.50
CA PRO A 247 38.23 -5.41 -22.90
C PRO A 247 37.51 -4.56 -23.93
N LYS A 248 36.27 -4.17 -23.59
CA LYS A 248 35.48 -3.27 -24.42
C LYS A 248 34.68 -2.34 -23.52
N PRO A 249 35.25 -1.20 -23.14
CA PRO A 249 34.64 -0.35 -22.11
C PRO A 249 33.45 0.44 -22.65
N ILE A 250 32.25 0.06 -22.21
CA ILE A 250 31.03 0.77 -22.57
C ILE A 250 31.05 2.15 -21.91
N SER A 251 31.17 3.21 -22.69
CA SER A 251 31.21 4.56 -22.15
C SER A 251 29.94 5.32 -22.52
N LEU A 252 29.31 5.95 -21.53
CA LEU A 252 28.02 6.59 -21.74
C LEU A 252 28.12 8.11 -21.55
N LEU A 253 27.23 8.84 -22.24
CA LEU A 253 27.09 10.29 -22.08
C LEU A 253 25.83 10.63 -21.28
N LEU A 254 25.98 11.49 -20.28
CA LEU A 254 24.87 11.85 -19.38
C LEU A 254 24.54 13.33 -19.53
N SER A 255 23.23 13.61 -19.58
CA SER A 255 22.73 14.94 -19.92
C SER A 255 23.04 15.93 -18.79
N THR A 256 23.50 17.11 -19.18
CA THR A 256 23.76 18.17 -18.22
C THR A 256 23.33 19.55 -18.71
N GLN A 257 22.75 19.65 -19.91
CA GLN A 257 22.44 20.94 -20.50
C GLN A 257 21.29 21.62 -19.77
N ARG A 258 20.35 20.82 -19.27
CA ARG A 258 19.26 21.34 -18.45
C ARG A 258 19.80 21.85 -17.12
N ARG A 259 20.83 21.19 -16.58
CA ARG A 259 21.35 21.57 -15.28
C ARG A 259 22.14 22.87 -15.34
N LYS A 260 22.75 23.18 -16.49
CA LYS A 260 23.53 24.40 -16.61
C LYS A 260 22.67 25.66 -16.59
N ARG A 261 21.38 25.56 -16.93
CA ARG A 261 20.51 26.72 -16.97
C ARG A 261 19.72 26.92 -15.68
N ASN A 262 20.15 26.32 -14.58
CA ASN A 262 19.49 26.52 -13.30
C ASN A 262 19.97 27.82 -12.64
N LYS A 263 19.21 28.25 -11.64
CA LYS A 263 19.65 29.33 -10.77
C LYS A 263 20.93 28.94 -10.04
N GLY A 264 20.90 27.82 -9.33
CA GLY A 264 22.09 27.28 -8.72
C GLY A 264 22.86 26.39 -9.67
N TRP A 265 23.83 26.99 -10.35
CA TRP A 265 24.89 26.27 -11.05
C TRP A 265 26.26 26.82 -10.72
N SER A 266 26.38 28.13 -10.56
CA SER A 266 27.61 28.78 -10.10
C SER A 266 27.59 28.96 -8.57
N LYS A 267 27.35 27.86 -7.86
CA LYS A 267 27.26 27.87 -6.40
C LYS A 267 28.03 26.67 -5.86
N ASP A 268 27.82 26.39 -4.57
CA ASP A 268 28.66 25.44 -3.84
C ASP A 268 27.86 24.47 -2.97
N GLU A 269 26.54 24.46 -3.08
CA GLU A 269 25.70 23.62 -2.22
C GLU A 269 24.60 22.89 -2.99
N GLY A 270 24.13 23.40 -4.13
CA GLY A 270 23.16 22.69 -4.92
C GLY A 270 23.81 21.53 -5.64
N THR A 271 22.99 20.53 -6.02
CA THR A 271 23.50 19.28 -6.58
C THR A 271 24.24 19.48 -7.90
N GLU A 272 24.02 20.63 -8.56
CA GLU A 272 24.86 21.05 -9.66
C GLU A 272 26.32 21.24 -9.24
N ALA A 273 26.57 21.76 -8.03
CA ALA A 273 27.97 21.88 -7.60
C ALA A 273 28.61 20.53 -7.31
N GLU A 274 27.85 19.52 -6.86
CA GLU A 274 28.39 18.18 -6.74
C GLU A 274 28.70 17.59 -8.11
N ILE A 275 27.82 17.80 -9.11
CA ILE A 275 28.14 17.33 -10.46
C ILE A 275 29.36 18.07 -11.01
N LYS A 276 29.51 19.35 -10.67
CA LYS A 276 30.67 20.14 -11.09
C LYS A 276 31.95 19.59 -10.49
N LYS A 277 31.93 19.19 -9.21
CA LYS A 277 33.13 18.63 -8.61
C LYS A 277 33.39 17.22 -9.10
N VAL A 278 32.34 16.48 -9.47
CA VAL A 278 32.53 15.19 -10.12
C VAL A 278 33.22 15.38 -11.46
N MET A 279 32.91 16.48 -12.16
CA MET A 279 33.68 16.84 -13.35
C MET A 279 35.11 17.20 -12.97
N ASN A 280 35.32 17.77 -11.80
CA ASN A 280 36.60 18.30 -11.36
C ASN A 280 37.42 17.30 -10.55
N GLY A 281 37.34 16.01 -10.88
CA GLY A 281 38.26 15.03 -10.32
C GLY A 281 37.78 14.36 -9.05
N ASP A 282 37.53 15.14 -8.00
CA ASP A 282 37.10 14.61 -6.72
C ASP A 282 35.65 14.13 -6.77
N TYR A 283 35.15 13.68 -5.61
CA TYR A 283 33.92 12.90 -5.45
C TYR A 283 33.93 11.67 -6.35
N GLN A 284 34.86 10.77 -6.02
CA GLN A 284 35.00 9.48 -6.68
C GLN A 284 33.77 8.62 -6.42
N THR A 285 33.08 8.21 -7.47
CA THR A 285 31.95 7.31 -7.31
C THR A 285 32.38 5.86 -7.10
N SER A 286 31.44 5.06 -6.59
CA SER A 286 31.66 3.62 -6.36
C SER A 286 30.51 2.71 -6.76
N TYR A 287 29.26 3.20 -6.86
CA TYR A 287 28.08 2.35 -6.95
C TYR A 287 27.14 2.90 -8.01
N ILE A 288 26.87 2.10 -9.05
CA ILE A 288 26.29 2.59 -10.29
C ILE A 288 25.06 1.75 -10.59
N GLU A 289 23.89 2.38 -10.56
CA GLU A 289 22.64 1.71 -10.91
C GLU A 289 22.18 2.12 -12.29
N VAL A 290 21.65 1.16 -13.05
CA VAL A 290 21.17 1.41 -14.41
C VAL A 290 19.71 1.01 -14.42
N LYS A 291 18.83 1.96 -14.13
CA LYS A 291 17.40 1.68 -14.08
C LYS A 291 16.77 1.99 -15.44
N ARG A 292 15.46 1.80 -15.53
CA ARG A 292 14.65 2.39 -16.60
C ARG A 292 13.75 3.46 -16.01
N GLY A 293 13.60 4.57 -16.72
CA GLY A 293 12.74 5.64 -16.25
C GLY A 293 11.28 5.41 -16.58
N SER A 294 10.55 6.47 -16.90
CA SER A 294 9.19 6.31 -17.40
C SER A 294 9.22 5.69 -18.80
N LYS A 295 8.20 4.88 -19.08
CA LYS A 295 8.07 4.23 -20.39
C LYS A 295 7.60 5.24 -21.42
N ILE A 296 8.52 5.82 -22.18
CA ILE A 296 8.23 6.95 -23.05
C ILE A 296 8.56 6.58 -24.50
N CYS A 297 7.51 6.51 -25.33
CA CYS A 297 7.60 6.45 -26.80
C CYS A 297 8.41 5.24 -27.28
N GLU A 298 7.87 4.06 -26.98
CA GLU A 298 8.29 2.73 -27.49
C GLU A 298 9.74 2.34 -27.17
N LYS A 299 10.47 3.19 -26.45
CA LYS A 299 11.90 3.00 -26.22
C LYS A 299 12.26 3.68 -24.91
N SER A 300 12.56 2.88 -23.88
CA SER A 300 12.67 3.39 -22.53
C SER A 300 14.00 4.10 -22.35
N ALA A 301 13.96 5.27 -21.72
CA ALA A 301 15.16 6.03 -21.41
C ALA A 301 15.75 5.51 -20.11
N TRP A 302 16.91 4.88 -20.22
CA TRP A 302 17.57 4.26 -19.07
C TRP A 302 18.19 5.35 -18.20
N MET A 303 17.88 5.35 -16.92
CA MET A 303 18.50 6.33 -16.04
C MET A 303 19.84 5.79 -15.54
N LEU A 304 20.52 6.57 -14.69
CA LEU A 304 21.81 6.18 -14.14
C LEU A 304 21.99 6.85 -12.78
N ASN A 305 22.38 6.07 -11.76
CA ASN A 305 22.52 6.56 -10.40
C ASN A 305 23.98 6.55 -9.96
N LEU A 306 24.47 7.68 -9.44
CA LEU A 306 25.88 7.87 -9.15
C LEU A 306 26.04 8.16 -7.66
N SER A 307 26.60 7.19 -6.92
CA SER A 307 26.95 7.34 -5.51
C SER A 307 28.11 8.32 -5.30
N ILE A 308 28.04 9.09 -4.20
CA ILE A 308 29.01 10.14 -3.87
C ILE A 308 29.01 10.35 -2.37
N ASP A 309 30.19 10.41 -1.77
CA ASP A 309 30.34 10.53 -0.33
C ASP A 309 30.73 11.98 -0.05
N VAL A 310 29.73 12.83 0.14
CA VAL A 310 29.96 14.26 0.35
C VAL A 310 30.43 14.50 1.79
N PRO A 311 31.34 15.44 2.02
CA PRO A 311 31.64 15.84 3.41
C PRO A 311 30.52 16.71 3.97
N LYS A 312 30.36 16.67 5.28
CA LYS A 312 29.26 17.38 5.91
C LYS A 312 29.55 18.87 5.97
N ILE A 313 28.50 19.67 5.70
CA ILE A 313 28.61 21.11 5.80
C ILE A 313 28.65 21.50 7.27
N ASP A 314 29.62 22.34 7.64
CA ASP A 314 29.68 22.83 9.01
C ASP A 314 28.53 23.78 9.29
N LYS A 315 28.52 24.94 8.62
CA LYS A 315 27.40 25.88 8.57
C LYS A 315 26.99 26.38 9.95
N GLY A 316 27.95 26.48 10.88
CA GLY A 316 27.67 27.03 12.19
C GLY A 316 26.86 26.13 13.10
N VAL A 317 27.46 25.05 13.59
CA VAL A 317 26.79 24.09 14.45
C VAL A 317 27.34 24.25 15.86
N ASP A 318 26.44 24.30 16.85
CA ASP A 318 26.82 24.31 18.26
C ASP A 318 25.69 23.66 19.07
N PRO A 319 25.83 22.39 19.46
CA PRO A 319 24.71 21.64 20.06
C PRO A 319 24.34 22.07 21.46
N SER A 320 25.00 23.09 22.02
CA SER A 320 24.49 23.75 23.23
C SER A 320 23.09 24.31 23.01
N ILE A 321 22.87 24.98 21.88
CA ILE A 321 21.52 25.36 21.49
C ILE A 321 20.76 24.12 21.03
N ILE A 322 19.45 24.10 21.30
CA ILE A 322 18.62 22.90 21.15
C ILE A 322 17.24 23.34 20.67
N GLY A 323 16.70 22.67 19.65
CA GLY A 323 15.37 22.97 19.15
C GLY A 323 14.57 21.69 18.96
N GLY A 324 13.26 21.85 18.80
CA GLY A 324 12.38 20.69 18.68
C GLY A 324 11.26 20.91 17.70
N ILE A 325 10.83 19.80 17.08
CA ILE A 325 9.71 19.81 16.14
C ILE A 325 8.70 18.74 16.55
N ASP A 326 7.54 18.80 15.91
CA ASP A 326 6.32 18.16 16.40
C ASP A 326 5.59 17.54 15.22
N VAL A 327 4.30 17.29 15.39
CA VAL A 327 3.35 17.28 14.29
C VAL A 327 2.18 18.18 14.70
N GLY A 328 1.82 19.12 13.84
CA GLY A 328 0.89 20.17 14.19
C GLY A 328 -0.54 19.86 13.77
N VAL A 329 -1.39 20.89 13.90
CA VAL A 329 -2.79 20.78 13.50
C VAL A 329 -3.23 21.90 12.57
N LYS A 330 -2.54 23.04 12.54
CA LYS A 330 -2.76 24.10 11.58
C LYS A 330 -1.76 24.05 10.43
N SER A 331 -0.48 23.93 10.76
CA SER A 331 0.63 23.51 9.91
C SER A 331 0.79 21.99 9.98
N PRO A 332 1.27 21.37 8.90
CA PRO A 332 1.77 19.99 9.03
C PRO A 332 2.91 19.84 10.03
N LEU A 333 3.92 20.72 9.96
CA LEU A 333 5.03 20.70 10.90
C LEU A 333 5.18 22.07 11.55
N VAL A 334 5.44 22.09 12.85
CA VAL A 334 5.79 23.32 13.57
C VAL A 334 7.15 23.10 14.21
N CYS A 335 7.99 24.12 14.17
CA CYS A 335 9.32 24.08 14.76
C CYS A 335 9.43 25.11 15.89
N ALA A 336 10.10 24.71 16.97
CA ALA A 336 10.15 25.45 18.23
C ALA A 336 11.59 25.67 18.64
N ILE A 337 11.90 26.92 18.96
CA ILE A 337 13.19 27.33 19.52
C ILE A 337 13.05 27.42 21.03
N ASN A 338 14.01 26.84 21.76
CA ASN A 338 13.93 26.68 23.21
C ASN A 338 13.87 28.02 23.94
N ASN A 339 14.70 28.99 23.55
CA ASN A 339 14.86 30.18 24.38
C ASN A 339 14.66 31.49 23.62
N ALA A 340 14.95 31.52 22.33
CA ALA A 340 14.91 32.77 21.58
C ALA A 340 13.51 33.13 21.08
N PHE A 341 12.48 32.42 21.56
CA PHE A 341 11.04 32.66 21.30
C PHE A 341 10.70 32.63 19.81
N SER A 342 11.47 31.89 19.03
CA SER A 342 11.29 31.82 17.58
C SER A 342 10.49 30.58 17.20
N ARG A 343 9.58 30.75 16.24
CA ARG A 343 8.65 29.71 15.82
C ARG A 343 8.71 29.61 14.30
N TYR A 344 8.48 28.40 13.78
CA TYR A 344 8.32 28.23 12.34
C TYR A 344 7.12 27.35 12.05
N SER A 345 6.32 27.75 11.07
CA SER A 345 5.20 26.94 10.60
C SER A 345 5.06 27.08 9.10
N ILE A 346 4.34 26.14 8.49
CA ILE A 346 4.11 26.11 7.06
C ILE A 346 2.61 25.92 6.88
N SER A 347 1.93 26.95 6.41
CA SER A 347 0.46 26.95 6.36
C SER A 347 -0.02 27.54 5.04
N ASP A 348 0.58 27.10 3.94
CA ASP A 348 0.22 27.61 2.62
C ASP A 348 0.45 26.48 1.63
N ASN A 349 -0.65 25.84 1.23
CA ASN A 349 -0.74 24.84 0.17
C ASN A 349 -2.20 24.56 -0.10
N ASP A 350 -2.51 24.20 -1.35
CA ASP A 350 -3.81 23.64 -1.71
C ASP A 350 -3.55 22.34 -2.46
N LEU A 351 -3.34 21.27 -1.70
CA LEU A 351 -2.86 20.01 -2.25
C LEU A 351 -3.89 18.89 -2.20
N PHE A 352 -4.90 18.99 -1.34
CA PHE A 352 -5.66 17.79 -1.00
C PHE A 352 -6.95 17.61 -1.79
N HIS A 353 -7.52 18.66 -2.37
CA HIS A 353 -8.64 18.48 -3.29
C HIS A 353 -8.22 17.69 -4.54
N PHE A 354 -6.99 17.93 -5.00
CA PHE A 354 -6.24 17.09 -5.93
C PHE A 354 -6.20 15.62 -5.48
N ASN A 355 -5.67 15.35 -4.29
CA ASN A 355 -5.57 13.95 -3.88
C ASN A 355 -6.93 13.35 -3.54
N LYS A 356 -7.93 14.19 -3.27
CA LYS A 356 -9.28 13.70 -3.03
C LYS A 356 -10.02 13.37 -4.31
N LYS A 357 -9.79 14.12 -5.39
CA LYS A 357 -10.32 13.69 -6.69
C LYS A 357 -9.71 12.36 -7.13
N MET A 358 -8.36 12.20 -7.03
CA MET A 358 -7.82 10.87 -7.35
C MET A 358 -8.38 9.79 -6.43
N PHE A 359 -8.58 10.07 -5.13
CA PHE A 359 -9.05 8.99 -4.26
C PHE A 359 -10.51 8.66 -4.51
N ALA A 360 -11.32 9.64 -4.91
CA ALA A 360 -12.69 9.35 -5.35
C ALA A 360 -12.66 8.49 -6.61
N ARG A 361 -11.70 8.76 -7.49
CA ARG A 361 -11.59 8.00 -8.73
C ARG A 361 -11.11 6.57 -8.46
N ARG A 362 -10.10 6.43 -7.60
CA ARG A 362 -9.68 5.12 -7.10
C ARG A 362 -10.80 4.37 -6.39
N ARG A 363 -11.62 5.03 -5.56
CA ARG A 363 -12.63 4.27 -4.84
C ARG A 363 -13.74 3.82 -5.79
N ILE A 364 -14.08 4.64 -6.79
CA ILE A 364 -15.15 4.25 -7.69
C ILE A 364 -14.66 3.25 -8.72
N LEU A 365 -13.35 3.17 -8.95
CA LEU A 365 -12.79 2.03 -9.69
C LEU A 365 -12.75 0.77 -8.82
N LEU A 366 -12.32 0.90 -7.57
CA LEU A 366 -11.87 -0.23 -6.76
C LEU A 366 -13.04 -1.04 -6.22
N LYS A 367 -14.07 -0.35 -5.68
CA LYS A 367 -15.11 -1.05 -4.93
C LYS A 367 -15.98 -1.91 -5.83
N LYS A 368 -16.21 -1.50 -7.07
CA LYS A 368 -16.85 -2.33 -8.09
C LYS A 368 -15.90 -2.46 -9.29
N ASN A 369 -14.93 -3.36 -9.18
CA ASN A 369 -14.05 -3.66 -10.30
C ASN A 369 -14.61 -4.67 -11.29
N ARG A 370 -15.83 -5.18 -11.07
CA ARG A 370 -16.24 -6.43 -11.70
C ARG A 370 -16.47 -6.30 -13.20
N HIS A 371 -16.81 -5.09 -13.68
CA HIS A 371 -17.06 -4.90 -15.11
C HIS A 371 -16.40 -3.64 -15.66
N LYS A 372 -15.51 -3.00 -14.91
CA LYS A 372 -14.94 -1.72 -15.33
C LYS A 372 -13.95 -1.89 -16.47
N ARG A 373 -12.93 -2.72 -16.28
CA ARG A 373 -12.09 -3.18 -17.38
C ARG A 373 -11.60 -4.61 -17.09
N ALA A 374 -12.39 -5.59 -17.50
CA ALA A 374 -12.02 -6.97 -17.24
C ALA A 374 -11.58 -7.63 -18.53
N GLY A 375 -11.19 -8.90 -18.41
CA GLY A 375 -10.74 -9.68 -19.55
C GLY A 375 -9.34 -9.36 -20.05
N HIS A 376 -8.61 -8.47 -19.39
CA HIS A 376 -7.27 -8.09 -19.86
C HIS A 376 -6.30 -8.00 -18.68
N GLY A 377 -6.28 -9.04 -17.85
CA GLY A 377 -5.29 -9.12 -16.79
C GLY A 377 -5.59 -8.20 -15.62
N ALA A 378 -4.63 -8.13 -14.70
CA ALA A 378 -4.69 -7.20 -13.59
C ALA A 378 -3.63 -6.11 -13.63
N LYS A 379 -2.61 -6.25 -14.48
CA LYS A 379 -1.65 -5.16 -14.67
C LYS A 379 -2.27 -4.00 -15.42
N ASN A 380 -3.26 -4.28 -16.28
CA ASN A 380 -3.95 -3.24 -17.03
C ASN A 380 -5.15 -2.78 -16.19
N LYS A 381 -5.78 -3.70 -15.45
CA LYS A 381 -6.98 -3.37 -14.68
C LYS A 381 -6.71 -2.33 -13.60
N LEU A 382 -5.45 -2.20 -13.18
CA LEU A 382 -5.08 -1.15 -12.20
C LEU A 382 -4.12 -0.14 -12.85
N LYS A 383 -4.08 -0.08 -14.19
CA LYS A 383 -3.12 0.80 -14.91
C LYS A 383 -3.33 2.31 -14.64
N PRO A 384 -4.55 2.90 -14.66
CA PRO A 384 -4.68 4.33 -14.36
C PRO A 384 -4.30 4.60 -12.90
N ILE A 385 -4.69 3.68 -12.00
CA ILE A 385 -4.37 3.80 -10.58
C ILE A 385 -2.87 3.90 -10.35
N THR A 386 -2.09 3.08 -11.05
CA THR A 386 -0.64 3.09 -10.84
C THR A 386 0.02 4.39 -11.29
N ILE A 387 -0.42 4.97 -12.41
CA ILE A 387 0.09 6.26 -12.86
C ILE A 387 -0.22 7.36 -11.85
N LEU A 388 -1.45 7.39 -11.35
CA LEU A 388 -1.78 8.48 -10.44
C LEU A 388 -1.19 8.27 -9.05
N THR A 389 -1.03 7.02 -8.60
CA THR A 389 -0.33 6.80 -7.34
C THR A 389 1.16 7.13 -7.42
N GLU A 390 1.82 6.81 -8.54
CA GLU A 390 3.24 7.18 -8.66
C GLU A 390 3.40 8.69 -8.71
N LYS A 391 2.51 9.37 -9.45
CA LYS A 391 2.61 10.82 -9.56
C LYS A 391 2.28 11.51 -8.25
N SER A 392 1.27 11.00 -7.50
CA SER A 392 0.96 11.61 -6.22
C SER A 392 2.05 11.34 -5.17
N GLU A 393 2.70 10.18 -5.21
CA GLU A 393 3.77 9.93 -4.25
C GLU A 393 5.01 10.74 -4.60
N ARG A 394 5.27 10.95 -5.89
CA ARG A 394 6.34 11.86 -6.31
C ARG A 394 6.05 13.30 -5.87
N PHE A 395 4.79 13.74 -6.01
CA PHE A 395 4.42 15.07 -5.53
C PHE A 395 4.56 15.18 -4.01
N ARG A 396 4.23 14.10 -3.30
CA ARG A 396 4.31 14.07 -1.85
C ARG A 396 5.77 14.12 -1.41
N LYS A 397 6.63 13.38 -2.10
CA LYS A 397 8.05 13.37 -1.76
C LYS A 397 8.70 14.71 -2.05
N LYS A 398 8.31 15.37 -3.15
CA LYS A 398 8.90 16.68 -3.44
C LYS A 398 8.38 17.75 -2.48
N LEU A 399 7.13 17.63 -2.02
CA LEU A 399 6.63 18.57 -1.03
C LEU A 399 7.32 18.34 0.31
N ILE A 400 7.57 17.06 0.64
CA ILE A 400 8.29 16.72 1.87
C ILE A 400 9.71 17.27 1.84
N GLU A 401 10.39 17.16 0.68
CA GLU A 401 11.75 17.67 0.58
C GLU A 401 11.78 19.19 0.61
N ARG A 402 10.75 19.85 0.07
CA ARG A 402 10.65 21.30 0.18
C ARG A 402 10.44 21.72 1.63
N TRP A 403 9.58 20.99 2.35
CA TRP A 403 9.38 21.19 3.78
C TRP A 403 10.69 21.01 4.55
N ALA A 404 11.46 19.97 4.17
CA ALA A 404 12.70 19.66 4.87
C ALA A 404 13.74 20.75 4.63
N CYS A 405 13.79 21.29 3.42
CA CYS A 405 14.73 22.37 3.16
C CYS A 405 14.33 23.65 3.87
N GLU A 406 13.01 23.91 3.99
CA GLU A 406 12.56 25.06 4.76
C GLU A 406 12.89 24.92 6.23
N ILE A 407 12.75 23.70 6.77
CA ILE A 407 13.08 23.42 8.17
C ILE A 407 14.58 23.60 8.41
N ALA A 408 15.40 23.08 7.48
CA ALA A 408 16.85 23.19 7.63
C ALA A 408 17.31 24.63 7.50
N ASP A 409 16.69 25.41 6.60
CA ASP A 409 17.04 26.82 6.48
C ASP A 409 16.64 27.61 7.72
N PHE A 410 15.50 27.23 8.33
CA PHE A 410 15.09 27.83 9.60
C PHE A 410 16.12 27.53 10.70
N PHE A 411 16.54 26.27 10.80
CA PHE A 411 17.42 25.87 11.90
C PHE A 411 18.83 26.41 11.72
N ILE A 412 19.28 26.56 10.47
CA ILE A 412 20.56 27.23 10.23
C ILE A 412 20.42 28.74 10.49
N LYS A 413 19.26 29.32 10.22
CA LYS A 413 19.02 30.72 10.58
C LYS A 413 19.01 30.93 12.09
N ASN A 414 18.63 29.91 12.86
CA ASN A 414 18.63 30.01 14.31
C ASN A 414 19.69 29.14 14.98
N LYS A 415 20.56 28.49 14.18
CA LYS A 415 21.87 28.01 14.61
C LYS A 415 21.77 26.90 15.66
N VAL A 416 20.85 25.95 15.47
CA VAL A 416 20.71 24.83 16.38
C VAL A 416 21.64 23.71 15.95
N GLY A 417 22.45 23.20 16.88
CA GLY A 417 23.40 22.15 16.56
C GLY A 417 22.85 20.74 16.56
N THR A 418 21.74 20.50 17.25
CA THR A 418 21.20 19.15 17.38
C THR A 418 19.70 19.24 17.65
N VAL A 419 18.89 18.54 16.86
CA VAL A 419 17.45 18.62 16.99
C VAL A 419 16.99 17.35 17.71
N GLN A 420 15.81 17.44 18.35
CA GLN A 420 15.23 16.33 19.11
C GLN A 420 13.90 15.96 18.47
N MET A 421 13.74 14.69 18.09
CA MET A 421 12.54 14.26 17.39
C MET A 421 11.92 13.05 18.09
N GLU A 422 10.63 12.84 17.84
CA GLU A 422 9.76 11.87 18.53
C GLU A 422 10.09 10.42 18.17
N ASN A 423 9.60 9.50 18.99
CA ASN A 423 9.70 8.09 18.63
C ASN A 423 8.64 7.76 17.58
N LEU A 424 9.02 6.90 16.62
CA LEU A 424 8.15 6.53 15.51
C LEU A 424 6.92 5.74 15.97
N GLU A 425 7.07 4.92 17.01
CA GLU A 425 5.95 4.12 17.53
C GLU A 425 4.86 4.99 18.14
N SER A 426 5.20 6.19 18.58
CA SER A 426 4.22 7.19 19.01
C SER A 426 3.64 8.01 17.87
N MET A 427 4.42 8.24 16.81
CA MET A 427 3.98 9.16 15.75
C MET A 427 2.83 8.58 14.93
N LYS A 428 2.76 7.25 14.77
CA LYS A 428 1.59 6.64 14.16
C LYS A 428 0.34 6.78 15.04
N ARG A 429 0.54 6.88 16.36
CA ARG A 429 -0.56 6.87 17.33
C ARG A 429 -0.76 8.24 18.00
N LYS A 430 -0.54 9.31 17.24
CA LYS A 430 -0.61 10.68 17.72
C LYS A 430 -1.72 11.40 16.96
N GLU A 431 -2.89 11.52 17.57
CA GLU A 431 -4.12 11.87 16.85
C GLU A 431 -4.48 13.34 16.93
N ASP A 432 -3.59 14.19 17.46
CA ASP A 432 -3.72 15.63 17.32
C ASP A 432 -3.12 16.14 16.02
N SER A 433 -2.75 15.24 15.11
CA SER A 433 -1.98 15.57 13.92
C SER A 433 -2.82 16.32 12.90
N TYR A 434 -2.12 17.10 12.05
CA TYR A 434 -2.73 17.61 10.83
C TYR A 434 -3.05 16.47 9.87
N PHE A 435 -2.20 15.43 9.87
CA PHE A 435 -2.54 14.15 9.27
C PHE A 435 -3.50 13.39 10.19
N ASN A 436 -3.86 12.17 9.77
CA ASN A 436 -4.60 11.06 10.40
C ASN A 436 -6.05 11.42 10.72
N ILE A 437 -6.49 12.65 10.44
CA ILE A 437 -7.89 13.06 10.55
C ILE A 437 -8.46 13.44 9.19
N ARG A 438 -7.65 14.07 8.33
CA ARG A 438 -8.05 14.29 6.95
C ARG A 438 -7.85 13.03 6.13
N LEU A 439 -6.87 12.21 6.52
CA LEU A 439 -6.33 11.12 5.71
C LEU A 439 -6.44 9.84 6.53
N ARG A 440 -7.07 8.82 5.96
CA ARG A 440 -7.26 7.56 6.69
C ARG A 440 -5.99 6.72 6.72
N GLY A 441 -5.55 6.26 5.55
CA GLY A 441 -4.39 5.38 5.47
C GLY A 441 -3.42 5.80 4.39
N PHE A 442 -3.35 7.10 4.12
CA PHE A 442 -2.60 7.57 2.95
C PHE A 442 -1.11 7.68 3.23
N TRP A 443 -0.75 8.53 4.18
CA TRP A 443 0.60 9.04 4.24
C TRP A 443 1.53 8.00 4.89
N PRO A 444 2.68 7.71 4.29
CA PRO A 444 3.72 6.96 5.01
C PRO A 444 4.64 7.90 5.76
N TYR A 445 4.69 7.81 7.09
CA TYR A 445 5.53 8.75 7.82
C TYR A 445 6.98 8.31 7.96
N ALA A 446 7.30 7.02 7.74
CA ALA A 446 8.68 6.57 7.85
C ALA A 446 9.58 7.23 6.81
N GLU A 447 9.08 7.37 5.57
CA GLU A 447 9.82 8.08 4.55
C GLU A 447 9.93 9.57 4.83
N MET A 448 8.89 10.18 5.42
CA MET A 448 8.95 11.59 5.80
C MET A 448 10.06 11.81 6.82
N GLN A 449 10.10 10.96 7.84
CA GLN A 449 11.10 11.07 8.89
C GLN A 449 12.49 10.80 8.35
N ASN A 450 12.61 9.87 7.39
CA ASN A 450 13.90 9.60 6.78
C ASN A 450 14.40 10.83 6.00
N LYS A 451 13.48 11.52 5.32
CA LYS A 451 13.87 12.70 4.56
C LYS A 451 14.27 13.84 5.49
N ILE A 452 13.54 14.02 6.60
CA ILE A 452 13.88 15.10 7.52
C ILE A 452 15.17 14.76 8.26
N GLU A 453 15.42 13.47 8.50
CA GLU A 453 16.65 13.01 9.13
C GLU A 453 17.85 13.29 8.22
N PHE A 454 17.72 12.99 6.93
CA PHE A 454 18.80 13.22 5.97
C PHE A 454 19.04 14.72 5.78
N LYS A 455 17.97 15.52 5.71
CA LYS A 455 18.15 16.94 5.45
C LYS A 455 18.78 17.65 6.64
N LEU A 456 18.49 17.20 7.87
CA LEU A 456 19.22 17.78 8.99
C LEU A 456 20.63 17.20 9.12
N LYS A 457 20.85 15.97 8.64
CA LYS A 457 22.21 15.43 8.62
C LYS A 457 23.10 16.18 7.62
N GLN A 458 22.50 16.76 6.58
CA GLN A 458 23.26 17.49 5.56
C GLN A 458 23.93 18.76 6.09
N TYR A 459 23.52 19.27 7.24
CA TYR A 459 24.23 20.37 7.89
C TYR A 459 24.92 19.91 9.18
N GLY A 460 24.97 18.61 9.43
CA GLY A 460 25.60 18.10 10.63
C GLY A 460 24.77 18.24 11.88
N ILE A 461 23.49 18.59 11.76
CA ILE A 461 22.59 18.68 12.91
C ILE A 461 22.12 17.27 13.25
N GLU A 462 22.40 16.83 14.48
CA GLU A 462 22.05 15.47 14.85
C GLU A 462 20.57 15.41 15.24
N ILE A 463 20.01 14.20 15.23
CA ILE A 463 18.59 13.96 15.51
C ILE A 463 18.48 12.97 16.67
N ARG A 464 17.86 13.42 17.76
CA ARG A 464 17.78 12.62 18.98
C ARG A 464 16.36 12.13 19.19
N LYS A 465 16.18 10.81 19.22
CA LYS A 465 14.91 10.21 19.65
C LYS A 465 14.63 10.49 21.12
N VAL A 466 13.39 10.85 21.43
CA VAL A 466 13.04 11.40 22.74
C VAL A 466 11.92 10.56 23.36
N ALA A 467 11.70 10.80 24.65
CA ALA A 467 10.55 10.25 25.37
C ALA A 467 9.26 10.95 24.96
N PRO A 468 8.30 10.26 24.34
CA PRO A 468 7.16 10.92 23.68
C PRO A 468 5.89 11.02 24.52
N ASN A 469 5.90 10.54 25.76
CA ASN A 469 4.68 10.18 26.47
C ASN A 469 3.93 11.41 26.96
N ASN A 470 2.70 11.58 26.48
CA ASN A 470 1.75 12.60 26.92
C ASN A 470 2.30 14.02 26.72
N THR A 471 2.85 14.27 25.53
CA THR A 471 3.53 15.53 25.27
C THR A 471 2.55 16.65 24.93
N SER A 472 1.33 16.29 24.51
CA SER A 472 0.32 17.28 24.12
C SER A 472 -0.28 18.03 25.31
N LYS A 473 -0.08 17.55 26.54
CA LYS A 473 -0.72 18.16 27.70
C LYS A 473 0.25 18.62 28.77
N THR A 474 1.48 18.10 28.81
CA THR A 474 2.48 18.62 29.71
C THR A 474 2.91 20.00 29.26
N CYS A 475 2.88 20.98 30.18
CA CYS A 475 3.15 22.36 29.81
C CYS A 475 4.65 22.56 29.62
N SER A 476 5.03 23.77 29.18
CA SER A 476 6.39 24.03 28.72
C SER A 476 7.09 25.16 29.45
N LYS A 477 6.37 26.21 29.87
CA LYS A 477 7.02 27.27 30.62
C LYS A 477 7.40 26.81 32.01
N CYS A 478 6.43 26.28 32.77
CA CYS A 478 6.69 25.46 33.94
C CYS A 478 6.01 24.11 33.77
N GLY A 479 6.67 23.04 34.23
CA GLY A 479 6.12 21.72 34.03
C GLY A 479 4.94 21.39 34.93
N HIS A 480 3.80 22.01 34.67
CA HIS A 480 2.70 22.00 35.63
C HIS A 480 1.79 20.78 35.41
N LEU A 481 2.03 20.02 34.33
CA LEU A 481 1.39 18.72 34.07
C LEU A 481 -0.14 18.80 33.94
N ASN A 482 -0.61 19.71 33.07
CA ASN A 482 -2.03 20.03 32.94
C ASN A 482 -2.71 18.94 32.11
N ASN A 483 -3.03 17.82 32.77
CA ASN A 483 -3.48 16.62 32.06
C ASN A 483 -4.98 16.62 31.77
N TYR A 484 -5.64 17.78 31.73
CA TYR A 484 -7.04 17.88 31.37
C TYR A 484 -7.27 17.98 29.85
N PHE A 485 -6.23 18.26 29.08
CA PHE A 485 -6.37 18.67 27.67
C PHE A 485 -6.53 17.42 26.80
N ASN A 486 -7.67 16.75 26.96
CA ASN A 486 -8.02 15.51 26.30
C ASN A 486 -8.40 15.73 24.84
N PHE A 487 -8.59 14.61 24.12
CA PHE A 487 -8.82 14.64 22.68
C PHE A 487 -10.21 15.19 22.35
N GLU A 488 -11.26 14.56 22.89
CA GLU A 488 -12.61 15.06 22.71
C GLU A 488 -12.82 16.41 23.39
N TYR A 489 -12.06 16.67 24.47
CA TYR A 489 -12.01 18.01 25.05
C TYR A 489 -11.48 19.02 24.03
N ARG A 490 -10.44 18.65 23.29
CA ARG A 490 -9.90 19.53 22.25
C ARG A 490 -10.88 19.72 21.09
N LYS A 491 -11.61 18.66 20.70
CA LYS A 491 -12.55 18.78 19.60
C LYS A 491 -13.75 19.66 19.98
N LYS A 492 -14.31 19.46 21.18
CA LYS A 492 -15.49 20.22 21.60
C LYS A 492 -15.18 21.66 22.00
N ASN A 493 -13.93 22.01 22.22
CA ASN A 493 -13.53 23.42 22.35
C ASN A 493 -13.05 24.04 21.04
N LYS A 494 -13.39 23.44 19.90
CA LYS A 494 -13.17 24.01 18.56
C LYS A 494 -11.68 24.19 18.24
N PHE A 495 -10.84 23.28 18.76
CA PHE A 495 -9.38 23.30 18.72
C PHE A 495 -8.80 24.62 19.22
N PRO A 496 -8.80 24.87 20.54
CA PRO A 496 -8.38 26.20 21.02
C PRO A 496 -6.88 26.28 21.29
N HIS A 497 -6.44 27.40 21.84
CA HIS A 497 -5.14 27.45 22.50
C HIS A 497 -5.10 26.49 23.69
N PHE A 498 -3.92 25.92 23.93
CA PHE A 498 -3.62 25.33 25.23
C PHE A 498 -3.32 26.44 26.23
N LYS A 499 -3.90 26.32 27.43
CA LYS A 499 -3.65 27.29 28.49
C LYS A 499 -3.29 26.53 29.76
N CYS A 500 -2.26 27.00 30.45
CA CYS A 500 -1.85 26.40 31.71
C CYS A 500 -2.85 26.74 32.82
N GLU A 501 -2.98 25.81 33.77
CA GLU A 501 -3.86 26.03 34.91
C GLU A 501 -3.37 27.16 35.82
N LYS A 502 -2.05 27.39 35.90
CA LYS A 502 -1.53 28.40 36.81
C LYS A 502 -0.54 29.39 36.21
N CYS A 503 0.02 29.12 35.04
CA CYS A 503 0.75 30.15 34.31
C CYS A 503 -0.16 31.01 33.44
N ASN A 504 -1.40 30.53 33.19
CA ASN A 504 -2.30 31.07 32.18
C ASN A 504 -1.61 31.21 30.82
N PHE A 505 -0.93 30.14 30.42
CA PHE A 505 0.01 30.17 29.29
C PHE A 505 -0.74 29.89 27.99
N LYS A 506 -1.60 30.85 27.61
CA LYS A 506 -2.45 30.65 26.45
C LYS A 506 -1.62 30.71 25.17
N GLU A 507 -1.18 29.55 24.70
CA GLU A 507 -0.32 29.45 23.53
C GLU A 507 -0.77 28.24 22.71
N ASN A 508 -0.19 28.11 21.52
CA ASN A 508 -0.53 27.03 20.60
C ASN A 508 -0.13 25.68 21.18
N ALA A 509 -1.07 24.72 21.16
CA ALA A 509 -0.92 23.46 21.87
C ALA A 509 0.18 22.60 21.26
N ASP A 510 0.28 22.59 19.94
CA ASP A 510 1.35 21.88 19.24
C ASP A 510 2.70 22.58 19.44
N TYR A 511 2.69 23.91 19.52
CA TYR A 511 3.91 24.63 19.84
C TYR A 511 4.40 24.30 21.25
N ASN A 512 3.46 24.09 22.19
CA ASN A 512 3.82 23.50 23.48
C ASN A 512 4.33 22.08 23.28
N ALA A 513 3.71 21.32 22.36
CA ALA A 513 4.06 19.92 22.16
C ALA A 513 5.43 19.75 21.50
N ALA A 514 6.03 20.83 21.01
CA ALA A 514 7.43 20.79 20.63
C ALA A 514 8.34 21.57 21.57
N LEU A 515 7.80 22.56 22.30
CA LEU A 515 8.63 23.29 23.27
C LEU A 515 8.92 22.46 24.52
N ASN A 516 8.10 21.43 24.77
CA ASN A 516 8.51 20.34 25.67
C ASN A 516 9.78 19.65 25.20
N ILE A 517 9.83 19.28 23.92
CA ILE A 517 10.98 18.55 23.39
C ILE A 517 12.18 19.48 23.22
N SER A 518 11.93 20.77 23.00
CA SER A 518 12.99 21.75 22.82
C SER A 518 13.71 22.07 24.12
N ASN A 519 13.07 21.85 25.26
CA ASN A 519 13.77 21.95 26.53
C ASN A 519 14.71 20.76 26.70
N PRO A 520 16.00 21.00 26.97
CA PRO A 520 17.01 19.93 26.81
C PRO A 520 16.96 18.86 27.87
N LYS A 521 16.20 19.04 28.95
CA LYS A 521 16.22 18.16 30.11
C LYS A 521 15.63 16.77 29.83
N LEU A 522 15.01 16.56 28.67
CA LEU A 522 14.51 15.23 28.32
C LEU A 522 15.65 14.31 27.93
N LYS A 523 15.72 13.16 28.61
CA LYS A 523 16.70 12.14 28.24
C LYS A 523 16.29 11.43 26.97
N SER A 524 17.29 11.06 26.17
CA SER A 524 17.05 10.41 24.89
C SER A 524 16.88 8.91 25.08
N THR A 525 16.86 8.18 23.97
CA THR A 525 16.69 6.73 24.01
C THR A 525 17.33 6.06 22.80
N THR B 7 -17.38 -23.18 0.24
CA THR B 7 -16.35 -22.87 1.22
C THR B 7 -16.52 -21.46 1.76
N LYS B 8 -16.18 -21.27 3.04
CA LYS B 8 -16.40 -19.98 3.68
C LYS B 8 -15.38 -19.81 4.79
N THR B 9 -15.13 -18.56 5.15
CA THR B 9 -14.34 -18.21 6.33
C THR B 9 -15.13 -17.31 7.27
N LEU B 10 -15.12 -17.65 8.56
CA LEU B 10 -16.01 -17.08 9.55
C LEU B 10 -15.13 -16.61 10.70
N LYS B 11 -15.23 -15.33 11.04
CA LYS B 11 -14.37 -14.68 12.03
C LYS B 11 -15.09 -14.45 13.34
N LEU B 12 -14.67 -15.15 14.40
CA LEU B 12 -15.23 -14.94 15.73
C LEU B 12 -14.11 -14.54 16.68
N ARG B 13 -14.48 -14.13 17.90
CA ARG B 13 -13.54 -13.56 18.87
C ARG B 13 -13.51 -14.43 20.13
N ILE B 14 -12.51 -14.20 20.99
CA ILE B 14 -12.36 -14.91 22.26
C ILE B 14 -11.88 -13.92 23.32
N VAL B 15 -12.57 -13.88 24.47
CA VAL B 15 -12.05 -13.11 25.60
C VAL B 15 -11.18 -13.92 26.55
N ARG B 16 -11.47 -15.21 26.73
CA ARG B 16 -10.90 -15.96 27.84
C ARG B 16 -11.07 -17.45 27.58
N PRO B 17 -10.26 -18.31 28.21
CA PRO B 17 -10.53 -19.74 28.17
C PRO B 17 -11.74 -20.12 29.02
N TYR B 18 -12.20 -21.35 28.83
CA TYR B 18 -13.28 -21.95 29.62
C TYR B 18 -12.77 -23.32 30.09
N ASN B 19 -12.13 -23.37 31.26
CA ASN B 19 -11.54 -24.61 31.73
C ASN B 19 -12.61 -25.58 32.22
N SER B 20 -13.44 -25.15 33.16
CA SER B 20 -14.55 -25.94 33.64
C SER B 20 -15.68 -24.98 34.01
N ALA B 21 -16.62 -25.45 34.83
CA ALA B 21 -17.71 -24.59 35.26
C ALA B 21 -17.31 -23.77 36.47
N GLU B 22 -16.82 -24.43 37.52
CA GLU B 22 -16.63 -23.77 38.81
C GLU B 22 -15.46 -22.79 38.80
N VAL B 23 -14.45 -23.03 37.97
CA VAL B 23 -13.29 -22.14 37.95
C VAL B 23 -13.64 -20.80 37.30
N GLU B 24 -14.41 -20.79 36.21
CA GLU B 24 -14.79 -19.52 35.61
C GLU B 24 -15.88 -18.84 36.42
N LYS B 25 -16.68 -19.63 37.15
CA LYS B 25 -17.53 -19.08 38.21
C LYS B 25 -16.71 -18.29 39.21
N ILE B 26 -15.60 -18.88 39.70
CA ILE B 26 -14.72 -18.19 40.65
C ILE B 26 -14.10 -16.94 40.02
N VAL B 27 -13.77 -17.02 38.72
CA VAL B 27 -13.25 -15.86 38.00
C VAL B 27 -14.25 -14.71 38.01
N ALA B 28 -15.50 -15.00 37.62
CA ALA B 28 -16.56 -13.98 37.61
C ALA B 28 -16.83 -13.46 39.01
N ASP B 29 -16.83 -14.34 40.02
CA ASP B 29 -17.14 -13.93 41.39
C ASP B 29 -16.07 -13.01 41.94
N GLU B 30 -14.79 -13.32 41.72
CA GLU B 30 -13.76 -12.46 42.30
C GLU B 30 -13.52 -11.22 41.44
N LYS B 31 -13.86 -11.26 40.15
CA LYS B 31 -13.96 -10.04 39.36
C LYS B 31 -14.98 -9.09 39.95
N ASN B 32 -16.18 -9.62 40.25
CA ASN B 32 -17.22 -8.79 40.89
C ASN B 32 -16.82 -8.40 42.31
N ASN B 33 -15.99 -9.21 42.98
CA ASN B 33 -15.56 -8.88 44.33
C ASN B 33 -14.60 -7.69 44.33
N ARG B 34 -13.62 -7.71 43.43
CA ARG B 34 -12.78 -6.51 43.24
C ARG B 34 -13.59 -5.33 42.71
N GLU B 35 -14.65 -5.60 41.94
CA GLU B 35 -15.50 -4.52 41.44
C GLU B 35 -16.24 -3.84 42.60
N LYS B 36 -16.74 -4.61 43.55
CA LYS B 36 -17.45 -4.03 44.69
C LYS B 36 -16.48 -3.44 45.72
N ILE B 37 -15.24 -3.95 45.77
CA ILE B 37 -14.21 -3.31 46.58
C ILE B 37 -13.85 -1.95 46.01
N ALA B 38 -13.73 -1.85 44.68
CA ALA B 38 -13.53 -0.57 44.01
C ALA B 38 -14.73 0.34 44.21
N LEU B 39 -15.94 -0.23 44.28
CA LEU B 39 -17.13 0.57 44.54
C LEU B 39 -17.06 1.18 45.92
N GLU B 40 -16.96 0.34 46.95
CA GLU B 40 -17.07 0.78 48.34
C GLU B 40 -15.85 1.57 48.80
N LYS B 41 -14.73 1.48 48.07
CA LYS B 41 -13.55 2.27 48.43
C LYS B 41 -13.59 3.67 47.84
N ASN B 42 -14.17 3.82 46.65
CA ASN B 42 -14.14 5.07 45.89
C ASN B 42 -15.35 5.94 46.24
N LYS B 43 -15.45 6.28 47.52
CA LYS B 43 -16.47 7.24 47.98
C LYS B 43 -15.89 8.65 47.94
N ASP B 44 -15.93 9.23 46.73
CA ASP B 44 -15.25 10.48 46.37
C ASP B 44 -13.74 10.41 46.62
N LYS B 45 -13.16 9.22 46.49
CA LYS B 45 -11.72 9.13 46.26
C LYS B 45 -11.36 9.38 44.80
N VAL B 46 -12.19 8.90 43.88
CA VAL B 46 -12.12 9.28 42.47
C VAL B 46 -13.52 9.66 42.02
N LYS B 47 -13.61 10.56 41.03
CA LYS B 47 -14.95 11.04 40.57
C LYS B 47 -15.16 10.68 39.09
N GLU B 48 -14.27 9.86 38.53
CA GLU B 48 -14.35 9.48 37.08
C GLU B 48 -15.63 8.69 36.81
N ALA B 49 -16.24 8.13 37.88
CA ALA B 49 -17.53 7.43 37.73
C ALA B 49 -17.47 6.53 36.51
N CYS B 50 -16.81 5.37 36.66
CA CYS B 50 -16.65 4.49 35.50
C CYS B 50 -18.06 4.16 35.00
N SER B 51 -18.21 4.04 33.69
CA SER B 51 -19.56 3.78 33.12
C SER B 51 -19.99 2.43 33.66
N LYS B 52 -21.29 2.16 33.64
CA LYS B 52 -21.84 0.93 34.25
C LYS B 52 -21.75 1.14 35.75
N HIS B 53 -20.55 1.29 36.31
CA HIS B 53 -20.37 1.38 37.78
C HIS B 53 -21.19 2.56 38.33
N LEU B 54 -21.26 3.67 37.59
CA LEU B 54 -22.14 4.77 38.05
C LEU B 54 -23.61 4.47 37.82
N LYS B 55 -24.00 4.04 36.61
CA LYS B 55 -25.44 3.90 36.39
C LYS B 55 -26.05 2.75 37.19
N VAL B 56 -25.25 1.81 37.69
CA VAL B 56 -25.80 0.65 38.39
C VAL B 56 -26.10 0.98 39.86
N ALA B 57 -25.07 1.24 40.68
CA ALA B 57 -25.27 1.68 42.06
C ALA B 57 -24.00 2.37 42.54
N ALA B 58 -23.99 3.70 42.55
CA ALA B 58 -22.82 4.46 42.96
C ALA B 58 -23.25 5.88 43.31
N TYR B 59 -22.30 6.64 43.88
CA TYR B 59 -22.44 8.07 44.10
C TYR B 59 -21.16 8.72 43.56
N CYS B 60 -21.17 9.06 42.28
CA CYS B 60 -20.07 9.81 41.69
C CYS B 60 -20.62 10.88 40.75
N THR B 61 -19.78 11.86 40.44
CA THR B 61 -20.26 13.07 39.79
C THR B 61 -20.38 12.89 38.27
N THR B 62 -19.25 12.68 37.58
CA THR B 62 -19.20 12.80 36.13
C THR B 62 -18.75 11.48 35.51
N GLN B 63 -19.51 11.00 34.53
CA GLN B 63 -19.12 9.85 33.72
C GLN B 63 -18.03 10.22 32.72
N VAL B 64 -16.84 9.63 32.86
CA VAL B 64 -15.80 9.76 31.87
C VAL B 64 -15.83 8.55 30.95
N GLU B 65 -15.09 8.60 29.85
CA GLU B 65 -15.36 7.80 28.67
C GLU B 65 -15.06 6.30 28.78
N ARG B 66 -14.88 5.79 30.02
CA ARG B 66 -14.73 4.36 30.33
C ARG B 66 -13.50 3.73 29.66
N ASN B 67 -12.42 4.50 29.52
CA ASN B 67 -11.22 3.97 28.86
C ASN B 67 -9.97 4.21 29.69
N ALA B 68 -9.97 5.25 30.53
CA ALA B 68 -8.83 5.58 31.37
C ALA B 68 -9.23 5.77 32.82
N CYS B 69 -10.23 5.03 33.29
CA CYS B 69 -10.72 5.15 34.66
C CYS B 69 -10.34 3.93 35.48
N LEU B 70 -10.36 4.13 36.80
CA LEU B 70 -9.65 3.24 37.73
C LEU B 70 -10.37 1.91 37.92
N PHE B 71 -11.66 1.82 37.59
CA PHE B 71 -12.47 0.71 38.04
C PHE B 71 -12.22 -0.55 37.22
N CYS B 72 -12.14 -0.42 35.89
CA CYS B 72 -11.91 -1.59 35.07
C CYS B 72 -10.50 -2.14 35.22
N LYS B 73 -9.55 -1.30 35.66
CA LYS B 73 -8.22 -1.79 35.99
C LYS B 73 -8.25 -2.69 37.22
N ALA B 74 -9.20 -2.44 38.14
CA ALA B 74 -9.44 -3.35 39.24
C ALA B 74 -10.18 -4.59 38.79
N ARG B 75 -11.12 -4.44 37.84
CA ARG B 75 -11.74 -5.61 37.23
C ARG B 75 -10.76 -6.37 36.35
N LYS B 76 -9.77 -5.68 35.78
CA LYS B 76 -8.63 -6.34 35.14
C LYS B 76 -7.83 -7.12 36.18
N LEU B 77 -7.94 -8.44 36.16
CA LEU B 77 -7.39 -9.27 37.22
C LEU B 77 -5.86 -9.32 37.12
N ASP B 78 -5.24 -9.82 38.19
CA ASP B 78 -3.80 -9.85 38.32
C ASP B 78 -3.28 -11.27 38.14
N ASP B 79 -2.08 -11.40 37.59
CA ASP B 79 -1.46 -12.71 37.40
C ASP B 79 -0.89 -13.30 38.68
N LYS B 80 -0.79 -12.52 39.77
CA LYS B 80 -0.57 -13.10 41.09
C LYS B 80 -1.78 -13.94 41.51
N PHE B 81 -2.98 -13.38 41.36
CA PHE B 81 -4.21 -14.11 41.69
C PHE B 81 -4.43 -15.27 40.74
N TYR B 82 -4.14 -15.05 39.46
CA TYR B 82 -4.20 -16.12 38.46
C TYR B 82 -3.22 -17.24 38.81
N GLN B 83 -2.04 -16.89 39.31
CA GLN B 83 -1.06 -17.90 39.67
C GLN B 83 -1.49 -18.66 40.91
N LYS B 84 -2.18 -18.00 41.86
CA LYS B 84 -2.69 -18.74 43.00
C LYS B 84 -3.83 -19.65 42.60
N LEU B 85 -4.62 -19.25 41.58
CA LEU B 85 -5.67 -20.09 41.01
C LEU B 85 -5.07 -21.29 40.31
N ARG B 86 -3.92 -21.10 39.67
CA ARG B 86 -3.26 -22.18 38.98
C ARG B 86 -2.73 -23.17 40.02
N GLY B 87 -2.27 -22.66 41.16
CA GLY B 87 -1.92 -23.55 42.25
C GLY B 87 -3.07 -24.28 42.94
N GLN B 88 -4.30 -23.73 42.95
CA GLN B 88 -5.36 -24.61 43.47
C GLN B 88 -5.73 -25.64 42.41
N PHE B 89 -6.05 -25.17 41.20
CA PHE B 89 -6.40 -26.04 40.08
C PHE B 89 -5.41 -25.97 38.93
N PRO B 90 -4.57 -27.01 38.76
CA PRO B 90 -3.53 -26.97 37.71
C PRO B 90 -4.09 -27.02 36.30
N ASP B 91 -5.30 -27.51 36.10
CA ASP B 91 -5.96 -27.57 34.80
C ASP B 91 -6.83 -26.35 34.52
N ALA B 92 -6.64 -25.27 35.27
CA ALA B 92 -7.39 -24.03 35.05
C ALA B 92 -6.43 -23.02 34.41
N VAL B 93 -6.39 -22.99 33.08
CA VAL B 93 -5.48 -22.13 32.35
C VAL B 93 -6.17 -20.82 32.01
N PHE B 94 -5.38 -19.78 31.77
CA PHE B 94 -5.92 -18.43 31.70
C PHE B 94 -5.46 -17.70 30.44
N TRP B 95 -5.72 -16.39 30.38
CA TRP B 95 -5.57 -15.62 29.14
C TRP B 95 -4.12 -15.52 28.69
N GLN B 96 -3.20 -15.29 29.63
CA GLN B 96 -1.80 -15.15 29.27
C GLN B 96 -1.20 -16.49 28.84
N GLU B 97 -1.64 -17.58 29.46
CA GLU B 97 -1.15 -18.90 29.09
C GLU B 97 -1.61 -19.29 27.68
N ILE B 98 -2.87 -19.00 27.34
CA ILE B 98 -3.30 -19.36 25.99
C ILE B 98 -2.71 -18.42 24.96
N SER B 99 -2.47 -17.14 25.30
CA SER B 99 -1.85 -16.25 24.33
C SER B 99 -0.36 -16.56 24.10
N GLU B 100 0.36 -16.99 25.14
CA GLU B 100 1.72 -17.49 24.93
C GLU B 100 1.73 -18.74 24.06
N ILE B 101 0.81 -19.68 24.31
CA ILE B 101 0.73 -20.88 23.47
C ILE B 101 0.39 -20.52 22.02
N PHE B 102 -0.43 -19.46 21.84
CA PHE B 102 -0.75 -18.98 20.49
C PHE B 102 0.51 -18.48 19.78
N ARG B 103 1.27 -17.60 20.44
CA ARG B 103 2.49 -17.07 19.83
C ARG B 103 3.52 -18.18 19.58
N GLN B 104 3.61 -19.16 20.50
CA GLN B 104 4.59 -20.24 20.36
C GLN B 104 4.26 -21.13 19.16
N LEU B 105 3.00 -21.58 19.03
CA LEU B 105 2.64 -22.37 17.86
C LEU B 105 2.71 -21.57 16.57
N GLN B 106 2.41 -20.26 16.63
CA GLN B 106 2.45 -19.44 15.43
C GLN B 106 3.88 -19.29 14.91
N LYS B 107 4.83 -19.02 15.80
CA LYS B 107 6.22 -18.93 15.38
C LYS B 107 6.81 -20.29 15.00
N GLN B 108 6.35 -21.36 15.66
CA GLN B 108 6.75 -22.71 15.30
C GLN B 108 6.36 -23.05 13.86
N ALA B 109 5.07 -22.85 13.54
CA ALA B 109 4.59 -23.16 12.21
C ALA B 109 5.19 -22.22 11.16
N ALA B 110 5.40 -20.94 11.51
CA ALA B 110 6.02 -20.02 10.56
C ALA B 110 7.46 -20.42 10.22
N GLU B 111 8.25 -20.81 11.23
CA GLU B 111 9.63 -21.23 10.95
C GLU B 111 9.67 -22.51 10.12
N ILE B 112 8.89 -23.53 10.52
CA ILE B 112 8.87 -24.80 9.79
C ILE B 112 8.37 -24.60 8.36
N TYR B 113 7.33 -23.77 8.20
CA TYR B 113 6.75 -23.45 6.89
C TYR B 113 7.79 -22.81 5.97
N ASN B 114 8.40 -21.71 6.42
CA ASN B 114 9.29 -20.95 5.54
C ASN B 114 10.57 -21.74 5.23
N GLN B 115 11.10 -22.48 6.21
CA GLN B 115 12.32 -23.23 5.95
C GLN B 115 12.06 -24.42 5.05
N SER B 116 10.91 -25.09 5.22
CA SER B 116 10.56 -26.17 4.31
C SER B 116 10.28 -25.68 2.89
N LEU B 117 9.68 -24.48 2.75
CA LEU B 117 9.50 -23.89 1.42
C LEU B 117 10.83 -23.68 0.71
N ILE B 118 11.78 -23.03 1.39
CA ILE B 118 13.05 -22.72 0.74
C ILE B 118 13.86 -24.01 0.48
N GLU B 119 13.76 -25.00 1.37
CA GLU B 119 14.42 -26.27 1.13
C GLU B 119 13.80 -27.02 -0.05
N LEU B 120 12.47 -26.96 -0.20
CA LEU B 120 11.83 -27.54 -1.38
C LEU B 120 12.25 -26.86 -2.67
N TYR B 121 12.33 -25.53 -2.64
CA TYR B 121 12.70 -24.76 -3.83
C TYR B 121 14.13 -25.13 -4.24
N TYR B 122 15.04 -25.16 -3.27
CA TYR B 122 16.44 -25.54 -3.53
C TYR B 122 16.53 -26.97 -4.02
N GLU B 123 15.78 -27.89 -3.40
CA GLU B 123 15.82 -29.30 -3.76
C GLU B 123 15.38 -29.51 -5.20
N ILE B 124 14.35 -28.79 -5.63
CA ILE B 124 13.85 -28.93 -6.99
C ILE B 124 14.81 -28.28 -7.98
N PHE B 125 15.10 -27.00 -7.79
CA PHE B 125 15.64 -26.14 -8.86
C PHE B 125 17.15 -26.01 -8.96
N ILE B 126 17.94 -26.16 -7.89
CA ILE B 126 19.40 -25.97 -7.99
C ILE B 126 20.16 -27.29 -7.96
N LYS B 127 19.81 -28.22 -7.08
CA LYS B 127 20.43 -29.54 -7.15
C LYS B 127 19.86 -30.35 -8.32
N GLY B 128 18.55 -30.58 -8.33
CA GLY B 128 17.89 -31.36 -9.36
C GLY B 128 17.57 -30.62 -10.64
N LYS B 129 18.05 -29.38 -10.77
CA LYS B 129 17.97 -28.57 -12.00
C LYS B 129 16.55 -28.28 -12.47
N GLY B 130 15.60 -28.17 -11.54
CA GLY B 130 14.26 -27.77 -11.93
C GLY B 130 13.37 -28.80 -12.58
N ILE B 131 13.79 -30.07 -12.63
CA ILE B 131 13.01 -31.10 -13.31
C ILE B 131 12.76 -32.25 -12.34
N ALA B 132 11.51 -32.37 -11.90
CA ALA B 132 11.03 -33.44 -11.02
C ALA B 132 9.51 -33.47 -11.12
N ASN B 133 8.87 -34.16 -10.17
CA ASN B 133 7.42 -34.21 -10.05
C ASN B 133 6.97 -33.69 -8.69
N ALA B 134 5.65 -33.54 -8.56
CA ALA B 134 5.03 -33.20 -7.28
C ALA B 134 4.99 -34.37 -6.30
N SER B 135 5.21 -35.59 -6.79
CA SER B 135 5.33 -36.73 -5.88
C SER B 135 6.54 -36.57 -4.97
N SER B 136 7.64 -36.04 -5.50
CA SER B 136 8.81 -35.75 -4.67
C SER B 136 8.50 -34.69 -3.62
N VAL B 137 7.63 -33.73 -3.96
CA VAL B 137 7.17 -32.73 -2.99
C VAL B 137 6.38 -33.40 -1.88
N GLU B 138 5.50 -34.35 -2.22
CA GLU B 138 4.74 -35.04 -1.19
C GLU B 138 5.63 -35.96 -0.34
N HIS B 139 6.69 -36.51 -0.94
CA HIS B 139 7.62 -37.32 -0.16
C HIS B 139 8.43 -36.46 0.80
N TYR B 140 8.87 -35.27 0.36
CA TYR B 140 9.49 -34.32 1.28
C TYR B 140 8.54 -33.94 2.40
N LEU B 141 7.26 -33.71 2.08
CA LEU B 141 6.23 -33.38 3.04
C LEU B 141 6.17 -34.43 4.14
N SER B 142 5.81 -35.65 3.74
CA SER B 142 5.59 -36.75 4.67
C SER B 142 6.86 -37.12 5.45
N ASP B 143 8.01 -37.19 4.78
CA ASP B 143 9.21 -37.68 5.43
C ASP B 143 9.97 -36.61 6.20
N VAL B 144 9.73 -35.32 5.94
CA VAL B 144 10.52 -34.28 6.58
C VAL B 144 9.66 -33.42 7.47
N CYS B 145 8.68 -32.70 6.90
CA CYS B 145 8.07 -31.66 7.74
C CYS B 145 6.92 -32.20 8.57
N TYR B 146 6.28 -33.28 8.11
CA TYR B 146 5.31 -33.99 8.93
C TYR B 146 5.98 -34.53 10.18
N THR B 147 7.12 -35.21 10.02
CA THR B 147 7.88 -35.70 11.17
C THR B 147 8.45 -34.56 12.01
N ARG B 148 8.84 -33.44 11.39
CA ARG B 148 9.41 -32.32 12.13
C ARG B 148 8.37 -31.67 13.02
N ALA B 149 7.19 -31.39 12.47
CA ALA B 149 6.13 -30.78 13.27
C ALA B 149 5.49 -31.78 14.22
N ALA B 150 5.55 -33.08 13.92
CA ALA B 150 5.02 -34.09 14.83
C ALA B 150 5.98 -34.46 15.96
N GLU B 151 7.27 -34.18 15.81
CA GLU B 151 8.24 -34.44 16.86
C GLU B 151 8.76 -33.17 17.51
N LEU B 152 8.29 -32.00 17.06
CA LEU B 152 8.44 -30.78 17.84
C LEU B 152 7.24 -30.58 18.76
N PHE B 153 6.10 -31.14 18.38
CA PHE B 153 4.90 -31.16 19.21
C PHE B 153 4.06 -32.36 18.75
N LYS B 154 3.60 -33.17 19.70
CA LYS B 154 3.25 -34.56 19.42
C LYS B 154 1.81 -34.73 18.94
N ASN B 155 1.22 -33.70 18.32
CA ASN B 155 -0.11 -33.79 17.72
C ASN B 155 0.05 -33.81 16.20
N ALA B 156 -0.04 -35.00 15.61
CA ALA B 156 0.33 -35.18 14.21
C ALA B 156 -0.72 -34.61 13.25
N ALA B 157 -1.94 -34.37 13.72
CA ALA B 157 -2.96 -33.75 12.88
C ALA B 157 -2.57 -32.33 12.49
N ILE B 158 -1.92 -31.60 13.40
CA ILE B 158 -1.44 -30.26 13.07
C ILE B 158 -0.35 -30.34 12.00
N ALA B 159 0.48 -31.38 12.04
CA ALA B 159 1.48 -31.57 10.99
C ALA B 159 0.85 -31.95 9.66
N SER B 160 -0.27 -32.69 9.68
CA SER B 160 -0.98 -32.96 8.43
C SER B 160 -1.63 -31.71 7.87
N GLY B 161 -2.16 -30.85 8.74
CA GLY B 161 -2.68 -29.57 8.30
C GLY B 161 -1.62 -28.65 7.73
N LEU B 162 -0.41 -28.68 8.31
CA LEU B 162 0.69 -27.94 7.70
C LEU B 162 1.12 -28.56 6.38
N ARG B 163 1.02 -29.88 6.24
CA ARG B 163 1.30 -30.52 4.94
C ARG B 163 0.31 -30.04 3.88
N SER B 164 -0.98 -29.97 4.24
CA SER B 164 -1.99 -29.41 3.33
C SER B 164 -1.69 -27.94 3.00
N LYS B 165 -1.32 -27.16 4.02
CA LYS B 165 -1.10 -25.72 3.86
C LYS B 165 0.09 -25.45 2.93
N ILE B 166 1.19 -26.18 3.14
CA ILE B 166 2.39 -25.97 2.32
C ILE B 166 2.20 -26.56 0.92
N LYS B 167 1.44 -27.66 0.81
CA LYS B 167 1.12 -28.20 -0.51
C LYS B 167 0.27 -27.22 -1.32
N SER B 168 -0.62 -26.49 -0.65
CA SER B 168 -1.34 -25.43 -1.35
C SER B 168 -0.44 -24.23 -1.64
N ASN B 169 0.49 -23.92 -0.74
CA ASN B 169 1.26 -22.68 -0.81
C ASN B 169 2.54 -22.79 -1.62
N PHE B 170 2.95 -24.00 -2.01
CA PHE B 170 4.12 -24.19 -2.85
C PHE B 170 3.65 -24.62 -4.24
N ARG B 171 4.07 -23.88 -5.25
CA ARG B 171 3.65 -24.11 -6.64
C ARG B 171 4.87 -24.39 -7.51
N LEU B 172 5.03 -25.65 -7.91
CA LEU B 172 6.20 -26.06 -8.67
C LEU B 172 6.18 -25.46 -10.07
N LYS B 173 5.07 -25.65 -10.79
CA LYS B 173 5.00 -25.31 -12.21
C LYS B 173 4.93 -23.81 -12.45
N GLU B 174 4.54 -23.02 -11.45
CA GLU B 174 4.65 -21.56 -11.58
C GLU B 174 6.11 -21.13 -11.58
N LEU B 175 6.84 -21.49 -10.52
CA LEU B 175 8.24 -21.11 -10.34
C LEU B 175 9.19 -21.87 -11.25
N LYS B 176 8.69 -22.85 -12.02
CA LYS B 176 9.52 -23.50 -13.04
C LYS B 176 10.02 -22.52 -14.09
N ASN B 177 9.24 -21.48 -14.40
CA ASN B 177 9.72 -20.41 -15.26
C ASN B 177 10.41 -19.29 -14.50
N MET B 178 10.48 -19.38 -13.17
CA MET B 178 11.09 -18.37 -12.29
C MET B 178 10.48 -16.98 -12.49
N LYS B 179 9.16 -16.95 -12.71
CA LYS B 179 8.44 -15.71 -12.94
C LYS B 179 8.23 -14.90 -11.66
N SER B 180 8.36 -15.52 -10.51
CA SER B 180 8.18 -14.84 -9.23
C SER B 180 9.03 -15.55 -8.18
N GLY B 181 8.76 -15.27 -6.91
CA GLY B 181 9.48 -15.88 -5.82
C GLY B 181 8.51 -16.30 -4.72
N LEU B 182 9.08 -16.95 -3.70
CA LEU B 182 8.25 -17.43 -2.60
C LEU B 182 7.95 -16.28 -1.64
N PRO B 183 6.67 -15.96 -1.41
CA PRO B 183 6.32 -14.86 -0.50
C PRO B 183 6.42 -15.29 0.96
N THR B 184 7.25 -14.57 1.72
CA THR B 184 7.47 -14.90 3.11
C THR B 184 6.79 -13.86 4.01
N THR B 185 6.41 -14.29 5.20
CA THR B 185 5.66 -13.46 6.12
C THR B 185 6.57 -12.73 7.09
N LYS B 186 6.00 -11.75 7.81
CA LYS B 186 6.64 -11.14 8.96
C LYS B 186 6.13 -11.74 10.27
N SER B 187 5.59 -12.96 10.21
CA SER B 187 5.09 -13.76 11.32
C SER B 187 3.92 -13.12 12.07
N ASP B 188 3.31 -12.06 11.54
CA ASP B 188 2.03 -11.60 12.05
C ASP B 188 0.87 -11.99 11.14
N ASN B 189 1.13 -12.74 10.07
CA ASN B 189 0.11 -13.12 9.10
C ASN B 189 -0.01 -14.62 8.97
N PHE B 190 0.01 -15.35 10.09
CA PHE B 190 0.18 -16.79 9.97
C PHE B 190 -0.50 -17.52 11.11
N PRO B 191 -1.61 -18.22 10.84
CA PRO B 191 -2.25 -19.03 11.89
C PRO B 191 -1.78 -20.47 11.95
N ILE B 192 -2.40 -21.27 12.81
CA ILE B 192 -2.07 -22.67 13.00
C ILE B 192 -3.24 -23.50 12.46
N PRO B 193 -2.99 -24.61 11.72
CA PRO B 193 -4.10 -25.32 11.06
C PRO B 193 -5.16 -25.97 11.95
N LEU B 194 -4.76 -26.91 12.82
CA LEU B 194 -5.65 -27.69 13.69
C LEU B 194 -6.80 -28.34 12.91
N VAL B 195 -6.43 -29.29 12.04
CA VAL B 195 -7.38 -29.94 11.14
C VAL B 195 -7.85 -31.24 11.78
N LYS B 196 -9.12 -31.57 11.56
CA LYS B 196 -9.69 -32.89 11.80
C LYS B 196 -10.21 -33.45 10.47
N GLN B 197 -10.76 -34.66 10.52
CA GLN B 197 -11.27 -35.25 9.30
C GLN B 197 -12.61 -34.60 8.90
N LYS B 198 -12.93 -34.71 7.62
CA LYS B 198 -14.17 -34.16 7.10
C LYS B 198 -15.35 -35.12 7.28
N GLY B 199 -15.18 -36.38 6.90
CA GLY B 199 -16.28 -37.33 6.89
C GLY B 199 -16.53 -38.14 8.14
N GLY B 200 -17.55 -37.75 8.89
CA GLY B 200 -18.16 -38.63 9.87
C GLY B 200 -17.47 -38.76 11.21
N GLN B 201 -16.32 -39.44 11.24
CA GLN B 201 -15.74 -39.93 12.50
C GLN B 201 -15.25 -38.78 13.37
N TYR B 202 -14.38 -37.93 12.83
CA TYR B 202 -13.98 -36.71 13.54
C TYR B 202 -15.13 -35.72 13.48
N THR B 203 -15.84 -35.57 14.60
CA THR B 203 -17.04 -34.73 14.66
C THR B 203 -16.70 -33.25 14.42
N GLY B 204 -15.55 -32.81 14.93
CA GLY B 204 -15.08 -31.46 14.69
C GLY B 204 -15.31 -30.53 15.87
N PHE B 205 -14.29 -30.42 16.72
CA PHE B 205 -14.06 -29.35 17.69
C PHE B 205 -15.13 -29.16 18.76
N GLU B 206 -16.19 -30.00 18.75
CA GLU B 206 -17.19 -30.14 19.82
C GLU B 206 -17.77 -28.82 20.31
N ILE B 207 -18.15 -27.96 19.36
CA ILE B 207 -18.60 -26.60 19.70
C ILE B 207 -19.97 -26.66 20.37
N SER B 208 -20.07 -26.08 21.56
CA SER B 208 -21.30 -25.99 22.32
C SER B 208 -21.77 -24.53 22.42
N ASN B 209 -22.98 -24.35 22.92
CA ASN B 209 -23.58 -23.04 23.10
C ASN B 209 -23.43 -22.55 24.53
N HIS B 210 -23.49 -21.23 24.69
CA HIS B 210 -23.42 -20.61 26.01
C HIS B 210 -24.30 -19.36 25.92
N ASN B 211 -24.18 -18.40 26.85
CA ASN B 211 -25.08 -17.24 26.83
C ASN B 211 -24.80 -16.29 25.66
N SER B 212 -25.50 -16.49 24.53
CA SER B 212 -25.25 -15.80 23.25
C SER B 212 -23.80 -15.95 22.75
N ASP B 213 -23.12 -17.01 23.18
CA ASP B 213 -21.69 -17.21 22.94
C ASP B 213 -21.45 -18.71 22.83
N PHE B 214 -20.19 -19.10 22.65
CA PHE B 214 -19.89 -20.49 22.34
C PHE B 214 -18.72 -21.00 23.18
N ILE B 215 -18.58 -22.32 23.21
CA ILE B 215 -17.46 -22.98 23.88
C ILE B 215 -16.81 -23.91 22.87
N ILE B 216 -15.53 -23.68 22.57
CA ILE B 216 -14.82 -24.58 21.66
C ILE B 216 -14.11 -25.64 22.48
N LYS B 217 -13.70 -26.74 21.84
CA LYS B 217 -12.83 -27.73 22.46
C LYS B 217 -11.72 -28.06 21.46
N ILE B 218 -10.48 -27.69 21.77
CA ILE B 218 -9.37 -27.99 20.87
C ILE B 218 -8.42 -28.96 21.57
N PRO B 219 -8.24 -30.17 21.07
CA PRO B 219 -7.36 -31.13 21.76
C PRO B 219 -5.87 -30.82 21.58
N PHE B 220 -5.12 -31.17 22.63
CA PHE B 220 -3.68 -30.95 22.90
C PHE B 220 -3.19 -32.10 23.78
N GLY B 221 -1.99 -31.92 24.34
CA GLY B 221 -1.33 -32.88 25.21
C GLY B 221 -1.09 -32.45 26.65
N ARG B 222 0.17 -32.23 27.03
CA ARG B 222 0.46 -31.85 28.40
C ARG B 222 1.26 -30.55 28.49
N TRP B 223 2.15 -30.30 27.53
CA TRP B 223 3.03 -29.12 27.46
C TRP B 223 3.72 -28.82 28.80
N GLN B 224 4.64 -29.71 29.15
CA GLN B 224 5.49 -29.51 30.32
C GLN B 224 6.36 -28.27 30.13
N VAL B 225 6.26 -27.35 31.07
CA VAL B 225 7.10 -26.15 31.07
C VAL B 225 8.54 -26.55 31.40
N LYS B 226 9.47 -26.25 30.49
CA LYS B 226 10.80 -26.81 30.55
C LYS B 226 11.63 -26.12 31.64
N LYS B 227 12.63 -26.84 32.13
CA LYS B 227 13.50 -26.32 33.17
C LYS B 227 14.40 -25.21 32.64
N GLU B 228 14.98 -25.42 31.45
CA GLU B 228 15.85 -24.44 30.81
C GLU B 228 15.02 -23.49 29.96
N ILE B 229 14.68 -22.34 30.53
CA ILE B 229 14.02 -21.28 29.78
C ILE B 229 15.10 -20.51 29.02
N ASP B 230 15.13 -20.64 27.70
CA ASP B 230 16.30 -20.26 26.93
C ASP B 230 16.39 -18.74 26.80
N LYS B 231 17.62 -18.23 26.88
CA LYS B 231 17.85 -16.80 26.74
C LYS B 231 17.79 -16.37 25.28
N TYR B 232 18.38 -17.16 24.38
CA TYR B 232 18.26 -16.88 22.95
C TYR B 232 16.84 -17.07 22.45
N ARG B 233 16.15 -18.11 22.93
CA ARG B 233 14.80 -18.45 22.47
C ARG B 233 13.77 -18.08 23.51
N PRO B 234 13.07 -16.94 23.38
CA PRO B 234 12.16 -16.50 24.45
C PRO B 234 10.81 -17.21 24.50
N TRP B 235 10.58 -18.24 23.69
CA TRP B 235 9.22 -18.77 23.66
C TRP B 235 9.15 -20.29 23.81
N GLU B 236 10.07 -21.03 23.19
CA GLU B 236 9.98 -22.49 23.13
C GLU B 236 10.39 -23.11 24.47
N LYS B 237 9.40 -23.56 25.26
CA LYS B 237 9.72 -24.32 26.47
C LYS B 237 8.70 -25.41 26.77
N PHE B 238 7.89 -25.81 25.79
CA PHE B 238 6.78 -26.73 25.96
C PHE B 238 6.95 -27.93 25.04
N ASP B 239 6.07 -28.91 25.22
CA ASP B 239 6.23 -30.19 24.53
C ASP B 239 5.00 -30.64 23.77
N PHE B 240 3.79 -30.42 24.32
CA PHE B 240 2.52 -30.75 23.66
C PHE B 240 2.45 -32.25 23.35
N GLU B 241 2.32 -33.01 24.43
CA GLU B 241 2.59 -34.46 24.44
C GLU B 241 1.49 -35.20 23.65
N GLN B 242 1.53 -36.52 23.68
CA GLN B 242 0.75 -37.37 22.78
C GLN B 242 -0.72 -37.42 23.18
N VAL B 243 -1.59 -37.20 22.20
CA VAL B 243 -3.03 -37.30 22.41
C VAL B 243 -3.43 -38.76 22.62
N GLN B 244 -2.70 -39.68 22.00
CA GLN B 244 -3.00 -41.11 22.11
C GLN B 244 -2.55 -41.70 23.45
N LYS B 245 -1.73 -40.98 24.21
CA LYS B 245 -1.29 -41.40 25.54
C LYS B 245 -1.96 -40.64 26.66
N SER B 246 -1.89 -39.31 26.63
CA SER B 246 -2.40 -38.49 27.73
C SER B 246 -2.75 -37.10 27.24
N PRO B 247 -3.94 -36.90 26.67
CA PRO B 247 -4.34 -35.58 26.20
C PRO B 247 -5.02 -34.75 27.29
N LYS B 248 -5.26 -33.48 26.96
CA LYS B 248 -5.92 -32.53 27.84
C LYS B 248 -6.51 -31.40 27.00
N PRO B 249 -7.74 -31.55 26.50
CA PRO B 249 -8.28 -30.60 25.53
C PRO B 249 -8.64 -29.24 26.13
N ILE B 250 -8.00 -28.20 25.61
CA ILE B 250 -8.26 -26.84 26.10
C ILE B 250 -9.60 -26.37 25.54
N SER B 251 -10.46 -25.85 26.41
CA SER B 251 -11.73 -25.29 25.96
C SER B 251 -11.75 -23.79 26.22
N LEU B 252 -12.21 -23.03 25.22
CA LEU B 252 -12.18 -21.57 25.25
C LEU B 252 -13.58 -21.00 25.07
N LEU B 253 -13.80 -19.82 25.67
CA LEU B 253 -15.06 -19.08 25.57
C LEU B 253 -15.05 -18.20 24.33
N LEU B 254 -15.87 -18.54 23.35
CA LEU B 254 -15.91 -17.89 22.05
C LEU B 254 -16.93 -16.77 22.10
N SER B 255 -16.45 -15.55 22.34
CA SER B 255 -17.29 -14.36 22.45
C SER B 255 -17.70 -13.87 21.06
N THR B 256 -19.00 -13.63 20.88
CA THR B 256 -19.57 -13.30 19.59
C THR B 256 -19.47 -11.82 19.22
N GLN B 257 -18.63 -11.04 19.91
CA GLN B 257 -18.48 -9.62 19.65
C GLN B 257 -17.61 -9.41 18.41
N ARG B 258 -18.18 -8.84 17.36
CA ARG B 258 -17.45 -8.44 16.17
C ARG B 258 -17.27 -6.93 16.15
N ARG B 259 -16.02 -6.47 16.25
CA ARG B 259 -15.73 -5.05 16.34
C ARG B 259 -15.79 -4.41 14.96
N LYS B 260 -16.31 -3.19 14.90
CA LYS B 260 -16.45 -2.47 13.64
C LYS B 260 -15.37 -1.39 13.57
N ARG B 261 -14.17 -1.80 13.13
CA ARG B 261 -13.05 -0.92 12.80
C ARG B 261 -12.63 -0.07 14.00
N ASN B 262 -12.13 -0.77 15.03
CA ASN B 262 -11.63 -0.20 16.29
C ASN B 262 -12.69 0.57 17.06
N LYS B 263 -13.98 0.34 16.78
CA LYS B 263 -15.06 0.91 17.55
C LYS B 263 -15.64 -0.18 18.47
N GLY B 264 -16.76 0.12 19.10
CA GLY B 264 -17.25 -0.70 20.20
C GLY B 264 -17.78 -2.06 19.77
N TRP B 265 -18.41 -2.72 20.75
CA TRP B 265 -18.89 -4.09 20.58
C TRP B 265 -20.15 -4.13 19.72
N SER B 266 -20.11 -4.93 18.66
CA SER B 266 -21.23 -5.02 17.71
C SER B 266 -21.43 -6.49 17.36
N LYS B 267 -22.58 -6.78 16.75
CA LYS B 267 -22.91 -8.13 16.31
C LYS B 267 -23.43 -8.08 14.88
N ASP B 268 -22.87 -8.93 14.02
CA ASP B 268 -23.38 -9.16 12.68
C ASP B 268 -24.02 -10.54 12.63
N GLU B 269 -25.22 -10.62 12.06
CA GLU B 269 -26.05 -11.81 12.20
C GLU B 269 -26.33 -12.49 10.86
N GLY B 270 -25.43 -12.32 9.89
CA GLY B 270 -25.43 -13.17 8.72
C GLY B 270 -24.61 -14.43 8.86
N THR B 271 -24.10 -14.70 10.05
CA THR B 271 -23.09 -15.75 10.24
C THR B 271 -23.44 -16.63 11.44
N GLU B 272 -24.20 -16.07 12.39
CA GLU B 272 -24.58 -16.78 13.60
C GLU B 272 -25.44 -18.01 13.30
N ALA B 273 -26.32 -17.90 12.29
CA ALA B 273 -27.09 -19.05 11.82
C ALA B 273 -26.19 -20.14 11.24
N GLU B 274 -25.11 -19.73 10.56
CA GLU B 274 -24.18 -20.71 10.01
C GLU B 274 -23.45 -21.45 11.13
N ILE B 275 -23.11 -20.74 12.21
CA ILE B 275 -22.48 -21.38 13.35
C ILE B 275 -23.45 -22.32 14.04
N LYS B 276 -24.74 -21.97 14.08
CA LYS B 276 -25.72 -22.89 14.63
C LYS B 276 -25.87 -24.14 13.76
N LYS B 277 -25.74 -23.96 12.44
CA LYS B 277 -25.75 -25.09 11.52
C LYS B 277 -24.54 -25.99 11.71
N VAL B 278 -23.38 -25.42 12.08
CA VAL B 278 -22.27 -26.26 12.52
C VAL B 278 -22.62 -27.03 13.79
N MET B 279 -23.25 -26.36 14.76
CA MET B 279 -23.46 -27.05 16.05
C MET B 279 -24.56 -28.10 16.01
N ASN B 280 -25.47 -28.08 15.03
CA ASN B 280 -26.51 -29.10 15.03
C ASN B 280 -26.00 -30.45 14.55
N GLY B 281 -24.93 -30.48 13.75
CA GLY B 281 -24.41 -31.73 13.23
C GLY B 281 -24.04 -31.66 11.77
N ASP B 282 -24.71 -30.80 11.01
CA ASP B 282 -24.35 -30.53 9.63
C ASP B 282 -23.27 -29.47 9.60
N TYR B 283 -23.00 -28.93 8.40
CA TYR B 283 -22.02 -27.87 8.15
C TYR B 283 -20.62 -28.27 8.63
N GLN B 284 -20.10 -29.34 8.01
CA GLN B 284 -18.90 -30.01 8.49
C GLN B 284 -17.64 -29.19 8.20
N THR B 285 -17.27 -28.32 9.13
CA THR B 285 -16.01 -27.60 9.06
C THR B 285 -14.84 -28.49 9.47
N SER B 286 -13.62 -28.05 9.11
CA SER B 286 -12.44 -28.81 9.48
C SER B 286 -11.23 -27.96 9.86
N TYR B 287 -11.35 -26.63 9.95
CA TYR B 287 -10.18 -25.75 10.03
C TYR B 287 -10.44 -24.67 11.08
N ILE B 288 -9.55 -24.58 12.07
CA ILE B 288 -9.57 -23.54 13.09
C ILE B 288 -8.24 -22.79 12.97
N GLU B 289 -8.23 -21.70 12.23
CA GLU B 289 -7.08 -20.80 12.14
C GLU B 289 -7.03 -19.86 13.34
N VAL B 290 -5.92 -19.85 14.05
CA VAL B 290 -5.75 -19.03 15.25
C VAL B 290 -4.67 -17.98 14.95
N LYS B 291 -5.08 -16.72 14.84
CA LYS B 291 -4.13 -15.63 14.64
C LYS B 291 -4.74 -14.34 15.18
N ARG B 292 -4.02 -13.24 15.01
CA ARG B 292 -4.54 -11.94 15.41
C ARG B 292 -5.59 -11.44 14.41
N GLY B 293 -6.29 -10.38 14.81
CA GLY B 293 -7.18 -9.71 13.87
C GLY B 293 -6.44 -8.88 12.85
N SER B 294 -7.15 -8.53 11.79
CA SER B 294 -6.54 -7.68 10.77
C SER B 294 -6.89 -6.20 10.97
N LYS B 295 -7.65 -5.88 12.01
CA LYS B 295 -8.09 -4.51 12.25
C LYS B 295 -7.19 -3.83 13.27
N ILE B 296 -7.56 -2.60 13.62
CA ILE B 296 -6.83 -1.82 14.61
C ILE B 296 -7.16 -2.34 16.00
N CYS B 297 -6.13 -2.60 16.81
CA CYS B 297 -6.20 -3.03 18.22
C CYS B 297 -6.78 -4.43 18.44
N GLU B 298 -7.25 -5.08 17.38
CA GLU B 298 -7.45 -6.53 17.39
C GLU B 298 -6.25 -7.28 16.84
N LYS B 299 -5.20 -6.57 16.47
CA LYS B 299 -3.91 -7.18 16.14
C LYS B 299 -3.13 -7.63 17.35
N SER B 300 -3.58 -7.33 18.57
CA SER B 300 -3.03 -7.94 19.77
C SER B 300 -3.96 -8.95 20.43
N ALA B 301 -5.27 -8.85 20.24
CA ALA B 301 -6.20 -9.78 20.87
C ALA B 301 -6.51 -10.94 19.92
N TRP B 302 -6.30 -12.16 20.40
CA TRP B 302 -6.35 -13.35 19.55
C TRP B 302 -7.80 -13.76 19.30
N MET B 303 -8.22 -13.63 18.04
CA MET B 303 -9.51 -14.12 17.58
C MET B 303 -9.42 -15.61 17.19
N LEU B 304 -10.45 -16.08 16.48
CA LEU B 304 -10.44 -17.41 15.85
C LEU B 304 -11.12 -17.30 14.49
N ASN B 305 -10.74 -18.21 13.60
CA ASN B 305 -11.25 -18.26 12.23
C ASN B 305 -11.69 -19.70 11.97
N LEU B 306 -12.99 -19.92 11.85
CA LEU B 306 -13.48 -21.23 11.41
C LEU B 306 -13.60 -21.18 9.89
N SER B 307 -12.93 -22.11 9.22
CA SER B 307 -13.08 -22.28 7.77
C SER B 307 -13.92 -23.52 7.48
N ILE B 308 -14.88 -23.36 6.57
CA ILE B 308 -15.84 -24.41 6.28
C ILE B 308 -15.76 -24.72 4.79
N ASP B 309 -16.26 -25.90 4.42
CA ASP B 309 -16.37 -26.31 3.03
C ASP B 309 -17.78 -26.83 2.79
N VAL B 310 -18.44 -26.30 1.77
CA VAL B 310 -19.67 -26.86 1.23
C VAL B 310 -19.49 -27.07 -0.27
N PRO B 311 -20.10 -28.09 -0.87
CA PRO B 311 -20.03 -28.23 -2.33
C PRO B 311 -20.91 -27.19 -3.01
N LYS B 312 -20.74 -27.08 -4.33
CA LYS B 312 -21.51 -26.11 -5.09
C LYS B 312 -22.97 -26.53 -5.23
N ILE B 313 -23.80 -26.03 -4.32
CA ILE B 313 -25.22 -26.35 -4.26
C ILE B 313 -25.95 -25.19 -4.93
N ASP B 314 -26.31 -25.35 -6.20
CA ASP B 314 -26.94 -24.27 -6.93
C ASP B 314 -28.39 -24.11 -6.51
N LYS B 315 -28.90 -22.90 -6.68
CA LYS B 315 -30.28 -22.56 -6.33
C LYS B 315 -31.09 -22.09 -7.53
N GLY B 316 -30.53 -21.28 -8.40
CA GLY B 316 -31.30 -20.64 -9.44
C GLY B 316 -32.10 -19.48 -8.86
N VAL B 317 -33.18 -19.14 -9.54
CA VAL B 317 -34.03 -18.03 -9.11
C VAL B 317 -35.44 -18.54 -8.88
N ASP B 318 -36.22 -17.75 -8.13
CA ASP B 318 -37.58 -18.11 -7.78
C ASP B 318 -38.48 -16.88 -7.77
N PRO B 319 -39.71 -17.00 -8.28
CA PRO B 319 -40.59 -15.82 -8.40
C PRO B 319 -41.11 -15.28 -7.07
N SER B 320 -40.87 -15.98 -5.95
CA SER B 320 -41.18 -15.43 -4.64
C SER B 320 -40.36 -14.17 -4.35
N ILE B 321 -39.09 -14.15 -4.76
CA ILE B 321 -38.28 -12.95 -4.64
C ILE B 321 -38.67 -11.99 -5.76
N ILE B 322 -38.96 -10.75 -5.39
CA ILE B 322 -39.54 -9.77 -6.32
C ILE B 322 -38.73 -8.48 -6.19
N GLY B 323 -38.03 -8.10 -7.26
CA GLY B 323 -37.14 -6.97 -7.25
C GLY B 323 -37.77 -5.70 -7.80
N GLY B 324 -37.01 -4.62 -7.73
CA GLY B 324 -37.43 -3.33 -8.23
C GLY B 324 -36.27 -2.49 -8.72
N ILE B 325 -36.49 -1.72 -9.78
CA ILE B 325 -35.46 -0.87 -10.38
C ILE B 325 -36.08 0.50 -10.59
N ASP B 326 -35.51 1.51 -9.94
CA ASP B 326 -36.02 2.87 -10.01
C ASP B 326 -34.87 3.79 -10.41
N VAL B 327 -35.21 4.94 -11.01
CA VAL B 327 -34.17 5.94 -11.27
C VAL B 327 -33.78 6.65 -9.97
N GLY B 328 -32.59 7.26 -9.96
CA GLY B 328 -32.11 7.95 -8.79
C GLY B 328 -31.97 9.45 -8.98
N VAL B 329 -31.45 10.10 -7.94
CA VAL B 329 -31.09 11.51 -8.00
C VAL B 329 -29.58 11.74 -7.90
N LYS B 330 -28.87 10.98 -7.05
CA LYS B 330 -27.42 11.02 -7.08
C LYS B 330 -26.82 9.98 -8.02
N SER B 331 -27.42 8.84 -8.09
CA SER B 331 -27.22 7.72 -8.98
C SER B 331 -28.15 7.83 -10.18
N PRO B 332 -27.81 7.28 -11.33
CA PRO B 332 -28.77 7.27 -12.44
C PRO B 332 -29.86 6.23 -12.21
N LEU B 333 -29.53 5.15 -11.50
CA LEU B 333 -30.50 4.11 -11.17
C LEU B 333 -30.15 3.51 -9.82
N VAL B 334 -31.15 2.87 -9.20
CA VAL B 334 -30.99 2.03 -8.01
C VAL B 334 -31.84 0.78 -8.15
N CYS B 335 -31.46 -0.25 -7.39
CA CYS B 335 -32.13 -1.53 -7.34
C CYS B 335 -32.43 -1.92 -5.89
N ALA B 336 -33.61 -2.50 -5.67
CA ALA B 336 -34.08 -2.77 -4.33
C ALA B 336 -34.87 -4.07 -4.29
N ILE B 337 -34.75 -4.77 -3.18
CA ILE B 337 -35.51 -5.99 -2.92
C ILE B 337 -36.41 -5.74 -1.72
N ASN B 338 -37.68 -6.16 -1.83
CA ASN B 338 -38.66 -5.89 -0.78
C ASN B 338 -38.42 -6.70 0.48
N ASN B 339 -37.75 -7.85 0.38
CA ASN B 339 -37.61 -8.72 1.54
C ASN B 339 -36.46 -8.26 2.44
N ALA B 340 -35.23 -8.28 1.92
CA ALA B 340 -34.05 -8.06 2.72
C ALA B 340 -33.57 -6.61 2.54
N PHE B 341 -32.41 -6.31 3.12
CA PHE B 341 -31.77 -5.01 2.96
C PHE B 341 -31.28 -4.82 1.53
N SER B 342 -30.21 -5.56 1.18
CA SER B 342 -29.80 -5.99 -0.17
C SER B 342 -30.02 -4.96 -1.28
N ARG B 343 -29.39 -3.79 -1.12
CA ARG B 343 -29.58 -2.72 -2.08
C ARG B 343 -28.35 -2.60 -2.97
N TYR B 344 -28.40 -1.64 -3.90
CA TYR B 344 -27.31 -1.47 -4.87
C TYR B 344 -27.44 -0.08 -5.48
N SER B 345 -26.40 0.73 -5.33
CA SER B 345 -26.29 1.96 -6.11
C SER B 345 -25.62 1.67 -7.44
N ILE B 346 -25.78 2.60 -8.38
CA ILE B 346 -25.04 2.60 -9.64
C ILE B 346 -24.13 3.83 -9.63
N SER B 347 -22.88 3.64 -10.05
CA SER B 347 -21.89 4.70 -10.05
C SER B 347 -22.29 5.87 -10.94
N ASP B 348 -21.74 7.04 -10.65
CA ASP B 348 -22.09 8.25 -11.38
C ASP B 348 -20.84 8.93 -11.92
N ASN B 349 -19.71 8.70 -11.23
CA ASN B 349 -18.55 9.59 -11.37
C ASN B 349 -17.89 9.48 -12.74
N ASP B 350 -17.89 8.28 -13.33
CA ASP B 350 -17.27 8.09 -14.64
C ASP B 350 -18.04 8.84 -15.73
N LEU B 351 -19.37 8.71 -15.72
CA LEU B 351 -20.21 9.44 -16.67
C LEU B 351 -20.14 10.94 -16.43
N PHE B 352 -20.02 11.35 -15.16
CA PHE B 352 -19.93 12.76 -14.81
C PHE B 352 -18.63 13.36 -15.34
N HIS B 353 -17.51 12.66 -15.14
CA HIS B 353 -16.23 13.16 -15.63
C HIS B 353 -16.17 13.13 -17.15
N PHE B 354 -16.84 12.14 -17.77
CA PHE B 354 -16.87 12.08 -19.23
C PHE B 354 -17.67 13.25 -19.80
N ASN B 355 -18.84 13.56 -19.22
CA ASN B 355 -19.60 14.71 -19.69
C ASN B 355 -18.88 16.02 -19.39
N LYS B 356 -18.10 16.06 -18.30
CA LYS B 356 -17.27 17.21 -18.01
C LYS B 356 -16.22 17.43 -19.08
N LYS B 357 -15.56 16.35 -19.52
CA LYS B 357 -14.55 16.47 -20.56
C LYS B 357 -15.18 16.81 -21.91
N MET B 358 -16.35 16.24 -22.19
CA MET B 358 -17.05 16.53 -23.44
C MET B 358 -17.51 17.98 -23.52
N PHE B 359 -18.08 18.50 -22.42
CA PHE B 359 -18.52 19.89 -22.37
C PHE B 359 -17.32 20.83 -22.45
N ALA B 360 -16.22 20.47 -21.79
CA ALA B 360 -15.02 21.29 -21.84
C ALA B 360 -14.45 21.34 -23.26
N ARG B 361 -14.44 20.19 -23.95
CA ARG B 361 -13.95 20.15 -25.32
C ARG B 361 -14.85 20.97 -26.24
N ARG B 362 -16.17 20.89 -26.04
CA ARG B 362 -17.11 21.63 -26.86
C ARG B 362 -16.93 23.13 -26.66
N ARG B 363 -16.90 23.59 -25.40
CA ARG B 363 -16.76 25.01 -25.15
C ARG B 363 -15.36 25.52 -25.46
N ILE B 364 -14.36 24.64 -25.55
CA ILE B 364 -13.09 25.03 -26.15
C ILE B 364 -13.26 25.28 -27.64
N LEU B 365 -13.90 24.34 -28.35
CA LEU B 365 -14.06 24.49 -29.80
C LEU B 365 -15.03 25.61 -30.17
N LEU B 366 -15.97 25.96 -29.30
CA LEU B 366 -16.91 27.04 -29.55
C LEU B 366 -16.39 28.42 -29.13
N LYS B 367 -15.08 28.57 -28.95
CA LYS B 367 -14.53 29.90 -28.70
C LYS B 367 -13.33 30.19 -29.60
N LYS B 368 -12.63 29.14 -30.02
CA LYS B 368 -11.52 29.26 -30.96
C LYS B 368 -11.95 28.97 -32.39
N ASN B 369 -13.20 29.30 -32.73
CA ASN B 369 -13.72 29.12 -34.08
C ASN B 369 -14.50 30.31 -34.61
N ARG B 370 -14.97 31.23 -33.76
CA ARG B 370 -16.08 32.13 -34.09
C ARG B 370 -15.70 33.13 -35.17
N HIS B 371 -14.42 33.51 -35.26
CA HIS B 371 -13.93 34.25 -36.41
C HIS B 371 -12.65 33.64 -36.98
N LYS B 372 -12.30 32.42 -36.57
CA LYS B 372 -10.97 31.86 -36.78
C LYS B 372 -10.87 31.00 -38.03
N ARG B 373 -11.87 30.14 -38.27
CA ARG B 373 -11.89 29.28 -39.46
C ARG B 373 -12.81 29.93 -40.50
N ALA B 374 -12.24 30.82 -41.31
CA ALA B 374 -13.01 31.65 -42.21
C ALA B 374 -13.08 31.01 -43.60
N GLY B 375 -14.05 31.45 -44.40
CA GLY B 375 -14.23 31.01 -45.75
C GLY B 375 -15.36 30.01 -45.96
N HIS B 376 -15.63 29.16 -44.96
CA HIS B 376 -16.60 28.08 -45.13
C HIS B 376 -17.97 28.38 -44.53
N GLY B 377 -18.10 29.44 -43.74
CA GLY B 377 -19.31 29.57 -42.95
C GLY B 377 -19.35 28.54 -41.84
N ALA B 378 -20.57 28.18 -41.42
CA ALA B 378 -20.77 27.27 -40.31
C ALA B 378 -20.78 25.81 -40.74
N LYS B 379 -20.13 25.48 -41.86
CA LYS B 379 -20.04 24.10 -42.32
C LYS B 379 -18.91 23.37 -41.61
N ASN B 380 -17.70 23.91 -41.71
CA ASN B 380 -16.50 23.29 -41.16
C ASN B 380 -16.23 23.80 -39.74
N LYS B 381 -17.00 24.80 -39.29
CA LYS B 381 -17.11 25.03 -37.86
C LYS B 381 -17.84 23.87 -37.19
N LEU B 382 -18.82 23.27 -37.86
CA LEU B 382 -19.62 22.19 -37.20
C LEU B 382 -19.01 20.82 -37.46
N LYS B 383 -17.88 20.75 -38.17
CA LYS B 383 -17.28 19.44 -38.55
C LYS B 383 -16.80 18.57 -37.38
N PRO B 384 -16.06 19.07 -36.35
CA PRO B 384 -15.50 18.20 -35.30
C PRO B 384 -16.44 17.78 -34.16
N ILE B 385 -17.52 18.54 -33.94
CA ILE B 385 -18.48 18.26 -32.88
C ILE B 385 -19.30 17.01 -33.20
N THR B 386 -19.56 16.76 -34.48
CA THR B 386 -20.32 15.57 -34.89
C THR B 386 -19.59 14.26 -34.62
N ILE B 387 -18.28 14.20 -34.85
CA ILE B 387 -17.54 12.97 -34.57
C ILE B 387 -17.47 12.73 -33.06
N LEU B 388 -17.35 13.82 -32.30
CA LEU B 388 -17.46 13.77 -30.85
C LEU B 388 -18.80 13.18 -30.44
N THR B 389 -19.89 13.58 -31.10
CA THR B 389 -21.20 13.09 -30.66
C THR B 389 -21.42 11.61 -31.02
N GLU B 390 -20.94 11.14 -32.19
CA GLU B 390 -21.07 9.69 -32.42
C GLU B 390 -20.23 8.89 -31.41
N LYS B 391 -19.01 9.36 -31.12
CA LYS B 391 -18.19 8.63 -30.16
C LYS B 391 -18.76 8.70 -28.74
N SER B 392 -19.41 9.81 -28.38
CA SER B 392 -20.07 9.92 -27.08
C SER B 392 -21.25 8.96 -27.03
N GLU B 393 -21.97 8.82 -28.14
CA GLU B 393 -23.11 7.91 -28.19
C GLU B 393 -22.65 6.46 -28.07
N ARG B 394 -21.55 6.09 -28.71
CA ARG B 394 -21.02 4.73 -28.54
C ARG B 394 -20.55 4.49 -27.12
N PHE B 395 -19.98 5.53 -26.48
CA PHE B 395 -19.61 5.41 -25.08
C PHE B 395 -20.82 5.20 -24.19
N ARG B 396 -21.90 5.95 -24.46
CA ARG B 396 -23.11 5.84 -23.66
C ARG B 396 -23.75 4.47 -23.84
N LYS B 397 -23.70 3.93 -25.07
CA LYS B 397 -24.21 2.60 -25.34
C LYS B 397 -23.42 1.53 -24.59
N LYS B 398 -22.09 1.64 -24.58
CA LYS B 398 -21.27 0.66 -23.86
C LYS B 398 -21.44 0.78 -22.35
N LEU B 399 -21.59 2.03 -21.85
CA LEU B 399 -21.83 2.23 -20.44
C LEU B 399 -23.16 1.66 -20.00
N ILE B 400 -24.17 1.78 -20.86
CA ILE B 400 -25.49 1.23 -20.56
C ILE B 400 -25.45 -0.29 -20.57
N GLU B 401 -24.68 -0.88 -21.50
CA GLU B 401 -24.51 -2.34 -21.51
C GLU B 401 -23.78 -2.82 -20.25
N ARG B 402 -22.79 -2.05 -19.79
CA ARG B 402 -22.10 -2.39 -18.55
C ARG B 402 -23.04 -2.28 -17.36
N TRP B 403 -23.90 -1.27 -17.35
CA TRP B 403 -24.88 -1.11 -16.27
C TRP B 403 -25.86 -2.27 -16.26
N ALA B 404 -26.31 -2.70 -17.44
CA ALA B 404 -27.25 -3.82 -17.54
C ALA B 404 -26.61 -5.12 -17.07
N CYS B 405 -25.34 -5.34 -17.43
CA CYS B 405 -24.66 -6.55 -16.96
C CYS B 405 -24.41 -6.50 -15.45
N GLU B 406 -24.18 -5.30 -14.91
CA GLU B 406 -24.01 -5.15 -13.47
C GLU B 406 -25.29 -5.47 -12.72
N ILE B 407 -26.43 -4.97 -13.23
CA ILE B 407 -27.72 -5.25 -12.60
C ILE B 407 -28.06 -6.73 -12.71
N ALA B 408 -27.73 -7.34 -13.86
CA ALA B 408 -27.97 -8.77 -14.03
C ALA B 408 -27.15 -9.61 -13.06
N ASP B 409 -25.88 -9.22 -12.85
CA ASP B 409 -25.04 -9.93 -11.88
C ASP B 409 -25.55 -9.74 -10.46
N PHE B 410 -26.05 -8.53 -10.15
CA PHE B 410 -26.59 -8.24 -8.82
C PHE B 410 -27.81 -9.11 -8.53
N PHE B 411 -28.73 -9.19 -9.50
CA PHE B 411 -29.94 -9.98 -9.26
C PHE B 411 -29.64 -11.48 -9.27
N ILE B 412 -28.72 -11.93 -10.12
CA ILE B 412 -28.39 -13.36 -10.14
C ILE B 412 -27.67 -13.80 -8.86
N LYS B 413 -26.80 -12.95 -8.29
CA LYS B 413 -26.26 -13.27 -6.98
C LYS B 413 -27.35 -13.24 -5.91
N ASN B 414 -28.29 -12.29 -6.01
CA ASN B 414 -29.40 -12.28 -5.05
C ASN B 414 -30.51 -13.26 -5.40
N LYS B 415 -30.44 -13.91 -6.57
CA LYS B 415 -31.33 -15.02 -6.95
C LYS B 415 -32.79 -14.59 -7.03
N VAL B 416 -33.02 -13.43 -7.65
CA VAL B 416 -34.37 -12.87 -7.78
C VAL B 416 -34.99 -13.42 -9.06
N GLY B 417 -36.21 -13.93 -8.95
CA GLY B 417 -36.87 -14.52 -10.10
C GLY B 417 -37.41 -13.51 -11.09
N THR B 418 -37.95 -12.40 -10.59
CA THR B 418 -38.62 -11.42 -11.43
C THR B 418 -38.38 -10.05 -10.80
N VAL B 419 -38.14 -9.05 -11.65
CA VAL B 419 -38.01 -7.66 -11.20
C VAL B 419 -39.16 -6.84 -11.79
N GLN B 420 -39.85 -6.11 -10.91
CA GLN B 420 -40.83 -5.12 -11.34
C GLN B 420 -40.08 -3.84 -11.71
N MET B 421 -40.06 -3.50 -12.99
CA MET B 421 -39.34 -2.32 -13.45
C MET B 421 -40.36 -1.23 -13.81
N GLU B 422 -40.07 0.01 -13.39
CA GLU B 422 -40.99 1.12 -13.55
C GLU B 422 -41.13 1.53 -15.02
N ASN B 423 -42.36 1.84 -15.44
CA ASN B 423 -42.67 1.94 -16.87
C ASN B 423 -42.11 3.21 -17.50
N LEU B 424 -41.95 3.15 -18.83
CA LEU B 424 -41.04 4.02 -19.58
C LEU B 424 -41.58 5.44 -19.73
N GLU B 425 -42.81 5.59 -20.21
CA GLU B 425 -43.39 6.91 -20.41
C GLU B 425 -43.62 7.61 -19.08
N SER B 426 -43.95 6.85 -18.03
CA SER B 426 -43.99 7.40 -16.69
C SER B 426 -42.59 7.79 -16.23
N MET B 427 -41.57 7.05 -16.66
CA MET B 427 -40.20 7.29 -16.21
C MET B 427 -39.67 8.61 -16.75
N LYS B 428 -39.84 8.84 -18.05
CA LYS B 428 -39.27 10.04 -18.66
C LYS B 428 -39.92 11.32 -18.16
N ARG B 429 -41.19 11.25 -17.75
CA ARG B 429 -41.91 12.42 -17.26
C ARG B 429 -41.82 12.55 -15.74
N LYS B 430 -40.60 12.54 -15.22
CA LYS B 430 -40.34 12.65 -13.79
C LYS B 430 -39.33 13.75 -13.55
N GLU B 431 -39.67 14.69 -12.66
CA GLU B 431 -38.77 15.78 -12.32
C GLU B 431 -37.77 15.42 -11.22
N ASP B 432 -37.92 14.26 -10.58
CA ASP B 432 -37.09 13.89 -9.44
C ASP B 432 -35.86 13.09 -9.84
N SER B 433 -35.75 12.73 -11.12
CA SER B 433 -34.70 11.84 -11.60
C SER B 433 -33.34 12.54 -11.59
N TYR B 434 -32.29 11.75 -11.77
CA TYR B 434 -30.97 12.33 -12.04
C TYR B 434 -30.96 13.03 -13.40
N PHE B 435 -31.61 12.43 -14.39
CA PHE B 435 -31.97 13.11 -15.62
C PHE B 435 -33.00 14.20 -15.35
N ASN B 436 -33.15 15.10 -16.34
CA ASN B 436 -33.99 16.31 -16.26
C ASN B 436 -33.56 17.29 -15.16
N ILE B 437 -32.34 17.14 -14.65
CA ILE B 437 -31.78 18.08 -13.68
C ILE B 437 -30.46 18.64 -14.21
N ARG B 438 -29.51 17.77 -14.49
CA ARG B 438 -28.29 18.17 -15.20
C ARG B 438 -28.35 17.76 -16.66
N LEU B 439 -28.48 16.46 -16.93
CA LEU B 439 -28.80 15.99 -18.27
C LEU B 439 -30.24 16.39 -18.59
N ARG B 440 -30.43 17.35 -19.49
CA ARG B 440 -31.72 18.01 -19.67
C ARG B 440 -32.78 17.06 -20.22
N GLY B 441 -32.57 16.55 -21.44
CA GLY B 441 -33.40 15.47 -21.92
C GLY B 441 -32.67 14.52 -22.84
N PHE B 442 -31.39 14.81 -23.09
CA PHE B 442 -30.63 14.18 -24.17
C PHE B 442 -30.24 12.77 -23.73
N TRP B 443 -31.17 11.82 -23.92
CA TRP B 443 -30.87 10.48 -23.41
C TRP B 443 -31.74 9.48 -24.15
N PRO B 444 -31.17 8.35 -24.60
CA PRO B 444 -31.92 7.21 -25.20
C PRO B 444 -32.48 6.17 -24.22
N TYR B 445 -33.63 6.52 -23.63
CA TYR B 445 -34.26 5.72 -22.58
C TYR B 445 -34.75 4.35 -23.06
N ALA B 446 -35.41 4.30 -24.23
CA ALA B 446 -35.98 3.04 -24.73
C ALA B 446 -34.93 1.98 -25.07
N GLU B 447 -33.79 2.38 -25.65
CA GLU B 447 -32.71 1.41 -25.87
C GLU B 447 -32.19 0.89 -24.53
N MET B 448 -32.12 1.76 -23.51
CA MET B 448 -31.71 1.32 -22.18
C MET B 448 -32.66 0.26 -21.63
N GLN B 449 -33.97 0.49 -21.76
CA GLN B 449 -34.94 -0.49 -21.26
C GLN B 449 -34.84 -1.80 -22.03
N ASN B 450 -34.68 -1.71 -23.36
CA ASN B 450 -34.62 -2.92 -24.18
C ASN B 450 -33.34 -3.70 -23.90
N LYS B 451 -32.23 -3.00 -23.66
CA LYS B 451 -30.96 -3.66 -23.34
C LYS B 451 -31.01 -4.28 -21.95
N ILE B 452 -31.68 -3.62 -20.99
CA ILE B 452 -31.84 -4.21 -19.67
C ILE B 452 -32.69 -5.47 -19.75
N GLU B 453 -33.76 -5.43 -20.54
CA GLU B 453 -34.63 -6.61 -20.65
C GLU B 453 -33.93 -7.75 -21.36
N PHE B 454 -33.11 -7.44 -22.39
CA PHE B 454 -32.35 -8.46 -23.08
C PHE B 454 -31.26 -9.06 -22.17
N LYS B 455 -30.64 -8.23 -21.33
CA LYS B 455 -29.61 -8.73 -20.42
C LYS B 455 -30.22 -9.60 -19.33
N LEU B 456 -31.39 -9.21 -18.81
CA LEU B 456 -32.03 -9.99 -17.76
C LEU B 456 -32.59 -11.29 -18.31
N LYS B 457 -33.17 -11.26 -19.51
CA LYS B 457 -33.70 -12.47 -20.13
C LYS B 457 -32.59 -13.38 -20.65
N GLN B 458 -31.39 -12.84 -20.89
CA GLN B 458 -30.23 -13.69 -21.12
C GLN B 458 -29.90 -14.53 -19.89
N TYR B 459 -30.05 -13.95 -18.70
CA TYR B 459 -29.98 -14.70 -17.46
C TYR B 459 -31.33 -15.29 -17.06
N GLY B 460 -32.38 -15.06 -17.83
CA GLY B 460 -33.67 -15.67 -17.61
C GLY B 460 -34.44 -15.12 -16.41
N ILE B 461 -34.82 -13.86 -16.49
CA ILE B 461 -35.58 -13.18 -15.44
C ILE B 461 -36.66 -12.34 -16.11
N GLU B 462 -37.92 -12.55 -15.72
CA GLU B 462 -39.03 -11.83 -16.32
C GLU B 462 -39.07 -10.38 -15.84
N ILE B 463 -39.91 -9.59 -16.51
CA ILE B 463 -40.06 -8.17 -16.24
C ILE B 463 -41.52 -7.88 -15.94
N ARG B 464 -41.76 -7.09 -14.90
CA ARG B 464 -43.06 -6.48 -14.65
C ARG B 464 -42.98 -4.97 -14.87
N LYS B 465 -44.12 -4.37 -15.17
CA LYS B 465 -44.22 -2.99 -15.62
C LYS B 465 -45.21 -2.21 -14.74
N VAL B 466 -44.98 -2.28 -13.43
CA VAL B 466 -46.07 -2.09 -12.47
C VAL B 466 -46.55 -0.64 -12.42
N ALA B 467 -45.62 0.34 -12.52
CA ALA B 467 -45.87 1.76 -12.70
C ALA B 467 -46.85 2.36 -11.69
N PRO B 468 -46.48 2.57 -10.44
CA PRO B 468 -47.42 3.10 -9.45
C PRO B 468 -47.73 4.57 -9.69
N ASN B 469 -48.77 5.04 -8.99
CA ASN B 469 -49.26 6.40 -9.20
C ASN B 469 -48.34 7.45 -8.58
N ASN B 470 -47.86 7.21 -7.36
CA ASN B 470 -47.03 8.19 -6.66
C ASN B 470 -46.04 7.44 -5.79
N THR B 471 -44.80 7.33 -6.25
CA THR B 471 -43.70 6.90 -5.40
C THR B 471 -43.01 8.12 -4.80
N SER B 472 -41.82 7.91 -4.21
CA SER B 472 -40.85 8.90 -3.73
C SER B 472 -41.33 9.71 -2.53
N LYS B 473 -42.55 9.52 -2.04
CA LYS B 473 -42.95 10.05 -0.75
C LYS B 473 -43.80 9.09 0.06
N THR B 474 -44.12 7.91 -0.46
CA THR B 474 -44.84 6.88 0.29
C THR B 474 -43.82 5.92 0.91
N CYS B 475 -43.86 5.80 2.24
CA CYS B 475 -42.91 4.94 2.93
C CYS B 475 -43.23 3.47 2.71
N SER B 476 -42.18 2.65 2.63
CA SER B 476 -42.36 1.21 2.45
C SER B 476 -42.92 0.54 3.70
N LYS B 477 -42.55 1.03 4.88
CA LYS B 477 -43.12 0.49 6.13
C LYS B 477 -44.61 0.79 6.24
N CYS B 478 -45.02 2.02 5.91
CA CYS B 478 -46.43 2.39 6.00
C CYS B 478 -46.73 3.49 4.98
N GLY B 479 -47.74 3.26 4.15
CA GLY B 479 -48.04 4.18 3.08
C GLY B 479 -48.70 5.48 3.52
N HIS B 480 -47.95 6.32 4.25
CA HIS B 480 -48.52 7.54 4.81
C HIS B 480 -48.84 8.56 3.71
N LEU B 481 -48.12 8.47 2.59
CA LEU B 481 -48.11 9.45 1.50
C LEU B 481 -47.82 10.85 2.05
N ASN B 482 -46.56 11.00 2.47
CA ASN B 482 -46.05 12.21 3.12
C ASN B 482 -45.98 13.33 2.08
N ASN B 483 -47.11 13.98 1.86
CA ASN B 483 -47.26 14.89 0.72
C ASN B 483 -46.60 16.25 0.92
N TYR B 484 -45.95 16.50 2.06
CA TYR B 484 -45.10 17.68 2.18
C TYR B 484 -43.76 17.56 1.48
N PHE B 485 -43.38 16.38 0.98
CA PHE B 485 -42.18 16.23 0.15
C PHE B 485 -42.43 16.75 -1.26
N ASN B 486 -42.56 18.07 -1.36
CA ASN B 486 -42.47 18.73 -2.65
C ASN B 486 -41.03 18.66 -3.15
N PHE B 487 -40.89 18.50 -4.47
CA PHE B 487 -39.56 18.56 -5.07
C PHE B 487 -38.94 19.94 -4.95
N GLU B 488 -39.77 20.99 -4.98
CA GLU B 488 -39.28 22.33 -4.69
C GLU B 488 -38.81 22.43 -3.24
N TYR B 489 -39.53 21.78 -2.32
CA TYR B 489 -39.05 21.69 -0.94
C TYR B 489 -37.74 20.93 -0.86
N ARG B 490 -37.58 19.90 -1.70
CA ARG B 490 -36.37 19.07 -1.67
C ARG B 490 -35.15 19.85 -2.13
N LYS B 491 -35.29 20.65 -3.19
CA LYS B 491 -34.19 21.54 -3.55
C LYS B 491 -34.05 22.69 -2.55
N LYS B 492 -35.14 23.06 -1.87
CA LYS B 492 -35.05 24.06 -0.81
C LYS B 492 -34.31 23.53 0.42
N ASN B 493 -34.31 22.22 0.63
CA ASN B 493 -33.52 21.61 1.70
C ASN B 493 -32.37 20.75 1.16
N LYS B 494 -31.99 20.97 -0.11
CA LYS B 494 -30.80 20.39 -0.74
C LYS B 494 -30.83 18.87 -0.72
N PHE B 495 -32.01 18.30 -1.02
CA PHE B 495 -32.33 16.87 -1.02
C PHE B 495 -31.96 16.21 0.31
N PRO B 496 -32.75 16.43 1.37
CA PRO B 496 -32.45 15.76 2.64
C PRO B 496 -32.93 14.32 2.67
N HIS B 497 -32.81 13.66 3.82
CA HIS B 497 -33.28 12.29 3.96
C HIS B 497 -34.81 12.23 3.93
N PHE B 498 -35.33 11.01 3.81
CA PHE B 498 -36.76 10.74 3.85
C PHE B 498 -37.13 10.33 5.28
N LYS B 499 -37.77 11.23 6.01
CA LYS B 499 -38.16 10.97 7.40
C LYS B 499 -39.66 10.73 7.42
N CYS B 500 -40.06 9.46 7.46
CA CYS B 500 -41.47 9.12 7.67
C CYS B 500 -41.83 9.42 9.11
N GLU B 501 -42.50 10.56 9.33
CA GLU B 501 -42.70 11.09 10.68
C GLU B 501 -43.65 10.24 11.51
N LYS B 502 -44.64 9.60 10.88
CA LYS B 502 -45.55 8.72 11.62
C LYS B 502 -44.89 7.41 12.03
N CYS B 503 -43.78 7.02 11.41
CA CYS B 503 -43.04 5.84 11.81
C CYS B 503 -41.71 6.20 12.48
N ASN B 504 -41.37 7.49 12.53
CA ASN B 504 -40.04 7.98 12.96
C ASN B 504 -38.93 7.29 12.17
N PHE B 505 -39.16 7.15 10.86
CA PHE B 505 -38.40 6.26 9.98
C PHE B 505 -37.51 7.11 9.08
N LYS B 506 -36.34 7.47 9.59
CA LYS B 506 -35.35 8.16 8.76
C LYS B 506 -34.69 7.14 7.83
N GLU B 507 -34.71 7.46 6.54
CA GLU B 507 -34.30 6.53 5.49
C GLU B 507 -33.58 7.34 4.42
N ASN B 508 -32.56 6.74 3.80
CA ASN B 508 -31.97 7.30 2.59
C ASN B 508 -33.05 7.55 1.54
N ALA B 509 -33.11 8.80 1.05
CA ALA B 509 -34.33 9.39 0.53
C ALA B 509 -34.84 8.78 -0.76
N ASP B 510 -34.00 7.98 -1.44
CA ASP B 510 -34.37 7.41 -2.76
C ASP B 510 -34.51 5.88 -2.67
N TYR B 511 -33.89 5.26 -1.67
CA TYR B 511 -34.04 3.82 -1.48
C TYR B 511 -35.50 3.44 -1.20
N ASN B 512 -36.21 4.25 -0.43
CA ASN B 512 -37.64 3.99 -0.21
C ASN B 512 -38.46 4.17 -1.48
N ALA B 513 -38.05 5.10 -2.35
CA ALA B 513 -38.68 5.21 -3.67
C ALA B 513 -38.44 3.95 -4.49
N ALA B 514 -37.26 3.33 -4.34
CA ALA B 514 -37.04 2.08 -5.06
C ALA B 514 -37.81 0.94 -4.41
N LEU B 515 -38.08 1.05 -3.10
CA LEU B 515 -38.81 0.00 -2.40
C LEU B 515 -40.28 -0.01 -2.82
N ASN B 516 -40.82 1.16 -3.18
CA ASN B 516 -42.21 1.22 -3.63
C ASN B 516 -42.41 0.48 -4.95
N ILE B 517 -41.40 0.49 -5.83
CA ILE B 517 -41.52 -0.21 -7.11
C ILE B 517 -41.44 -1.72 -6.91
N SER B 518 -40.74 -2.18 -5.88
CA SER B 518 -40.63 -3.61 -5.59
C SER B 518 -41.85 -4.17 -4.87
N ASN B 519 -42.83 -3.33 -4.53
CA ASN B 519 -44.01 -3.76 -3.80
C ASN B 519 -44.93 -4.57 -4.71
N PRO B 520 -45.09 -5.88 -4.49
CA PRO B 520 -45.85 -6.71 -5.44
C PRO B 520 -47.36 -6.59 -5.31
N LYS B 521 -47.88 -5.99 -4.23
CA LYS B 521 -49.32 -5.90 -4.04
C LYS B 521 -49.99 -5.02 -5.09
N LEU B 522 -49.28 -4.02 -5.62
CA LEU B 522 -49.73 -3.28 -6.78
C LEU B 522 -49.27 -3.98 -8.05
N LYS B 523 -50.14 -4.02 -9.05
CA LYS B 523 -49.99 -4.92 -10.19
C LYS B 523 -49.54 -4.15 -11.43
N SER B 524 -49.38 -4.89 -12.52
CA SER B 524 -48.73 -4.38 -13.72
C SER B 524 -49.69 -3.52 -14.54
N THR B 525 -49.29 -3.20 -15.77
CA THR B 525 -50.08 -2.34 -16.65
C THR B 525 -49.71 -2.60 -18.10
ZN ZN D . 1.07 24.71 32.88
ZN ZN E . 19.15 27.31 -33.41
ZN ZN F . -43.76 4.16 6.79
ZN ZN G . -12.94 2.64 34.78
#